data_5HFA
#
_entry.id   5HFA
#
_cell.length_a   104.803
_cell.length_b   104.803
_cell.length_c   323.462
_cell.angle_alpha   90.000
_cell.angle_beta   90.000
_cell.angle_gamma   120.000
#
_symmetry.space_group_name_H-M   'P 31 2 1'
#
loop_
_entity.id
_entity.type
_entity.pdbx_description
1 polymer Acetylcholinesterase
2 branched 2-acetamido-2-deoxy-beta-D-glucopyranose-(1-4)-[alpha-L-fucopyranose-(1-6)]2-acetamido-2-deoxy-beta-D-glucopyranose
3 non-polymer 'DIETHYL PHOSPHONATE'
4 non-polymer 1,2-ETHANEDIOL
5 non-polymer N-hydroxy-1-(1-methylpyridin-2(1H)-ylidene)methanamine
6 non-polymer 2-acetamido-2-deoxy-beta-D-glucopyranose
7 non-polymer 'NITRATE ION'
8 water water
#
_entity_poly.entity_id   1
_entity_poly.type   'polypeptide(L)'
_entity_poly.pdbx_seq_one_letter_code
;GREDAELLVTVRGGRLRGIRLKTPGGPVSAFLGIPFAEPPMGPRRFLPPEPKQPWSGVVDATTFQSVCYQYVDTLYPGFE
GTEMWNPNRELSEDCLYLNVWTPYPRPTSPTPVLVWIYGGGFYSGASSLDVYDGRFLVQAERTVLVSMNYRVGAFGFLAL
PGSREAPGNVGLLDQRLALQWVQENVAAFGGDPTSVTLFGESAGAASVGMHLLSPPSRGLFHRAVLQSGAPNGPWATVGM
GEARRRATQLAHLVGCPPGGTGGNDTELVACLRTRPAQVLVNHEWHVLPQESVFRFSFVPVVDGDFLSDTPEALINAGDF
HGLQVLVGVVKDEGSYFLVYGAPGFSKDNESLISRAEFLAGVRVGVPQVSDLAAEAVVLHYTDWLHPEDPARLREALSDV
VGDHNVVCPVAQLAGRLAAQGARVYAYVFEHRASTLSWPLWMGVPHGYEIEFIFGIPLDPSRNYTAEEKIFAQRLMRYWA
NFARTGDPNEPRDPKAPQWPPYTAGAQQYVSLDLRPLEVRRGLRAQACAFWNRFLPKLLSAT
;
_entity_poly.pdbx_strand_id   A,B
#
loop_
_chem_comp.id
_chem_comp.type
_chem_comp.name
_chem_comp.formula
DEP non-polymer 'DIETHYL PHOSPHONATE' 'C4 H11 O3 P'
EDO non-polymer 1,2-ETHANEDIOL 'C2 H6 O2'
FP1 non-polymer N-hydroxy-1-(1-methylpyridin-2(1H)-ylidene)methanamine 'C7 H10 N2 O'
FUC L-saccharide, alpha linking alpha-L-fucopyranose 'C6 H12 O5'
NAG D-saccharide, beta linking 2-acetamido-2-deoxy-beta-D-glucopyranose 'C8 H15 N O6'
NO3 non-polymer 'NITRATE ION' 'N O3 -1'
#
# COMPACT_ATOMS: atom_id res chain seq x y z
N GLU A 3 -23.22 11.16 63.85
CA GLU A 3 -22.02 11.32 63.02
C GLU A 3 -21.58 9.98 62.42
N ASP A 4 -21.24 9.97 61.13
CA ASP A 4 -20.91 8.72 60.45
C ASP A 4 -19.40 8.48 60.37
N ALA A 5 -18.90 7.53 61.17
CA ALA A 5 -17.47 7.24 61.28
C ALA A 5 -16.91 6.77 59.96
N GLU A 6 -17.76 6.14 59.16
CA GLU A 6 -17.35 5.64 57.86
C GLU A 6 -16.81 6.77 56.99
N LEU A 7 -17.30 7.98 57.20
CA LEU A 7 -16.92 9.13 56.39
C LEU A 7 -15.76 9.93 56.96
N LEU A 8 -15.11 9.39 57.99
CA LEU A 8 -13.97 10.07 58.58
C LEU A 8 -12.76 9.20 58.35
N VAL A 9 -11.68 9.81 57.85
CA VAL A 9 -10.45 9.08 57.53
C VAL A 9 -9.28 9.96 57.91
N THR A 10 -8.26 9.38 58.51
CA THR A 10 -7.03 10.14 58.69
C THR A 10 -5.99 9.63 57.68
N VAL A 11 -5.40 10.55 56.94
CA VAL A 11 -4.29 10.22 56.03
C VAL A 11 -3.06 10.91 56.61
N ARG A 12 -1.92 10.77 55.96
CA ARG A 12 -0.68 11.29 56.54
C ARG A 12 -0.74 12.77 56.81
N GLY A 13 -1.41 13.52 55.94
CA GLY A 13 -1.41 14.96 56.07
C GLY A 13 -2.43 15.45 57.09
N GLY A 14 -3.34 14.57 57.50
CA GLY A 14 -4.38 14.98 58.42
C GLY A 14 -5.70 14.31 58.17
N ARG A 15 -6.77 14.92 58.67
CA ARG A 15 -8.09 14.31 58.68
C ARG A 15 -8.99 14.80 57.56
N LEU A 16 -9.87 13.91 57.11
CA LEU A 16 -10.77 14.19 56.00
C LEU A 16 -12.21 13.84 56.33
N ARG A 17 -13.15 14.58 55.75
N ARG A 17 -13.16 14.57 55.77
CA ARG A 17 -14.57 14.23 55.86
CA ARG A 17 -14.55 14.16 55.89
C ARG A 17 -15.15 13.96 54.47
C ARG A 17 -15.15 13.96 54.50
N GLY A 18 -15.64 12.74 54.27
CA GLY A 18 -16.25 12.39 53.01
C GLY A 18 -17.76 12.49 52.98
N ILE A 19 -18.35 11.84 51.98
CA ILE A 19 -19.78 11.91 51.76
C ILE A 19 -20.29 10.54 51.30
N ARG A 20 -21.48 10.18 51.75
CA ARG A 20 -22.11 8.95 51.31
C ARG A 20 -22.91 9.24 50.05
N LEU A 21 -22.71 8.46 49.00
CA LEU A 21 -23.41 8.66 47.74
C LEU A 21 -24.37 7.51 47.55
N LYS A 22 -25.45 7.73 46.80
CA LYS A 22 -26.39 6.68 46.42
C LYS A 22 -26.12 6.11 45.02
N THR A 23 -26.34 4.81 44.85
CA THR A 23 -26.40 4.19 43.53
C THR A 23 -27.60 3.26 43.58
N PRO A 24 -28.11 2.84 42.41
CA PRO A 24 -29.21 1.86 42.36
C PRO A 24 -28.88 0.58 43.10
N GLY A 25 -27.60 0.28 43.29
CA GLY A 25 -27.25 -0.95 43.97
C GLY A 25 -26.88 -0.80 45.42
N GLY A 26 -27.07 0.40 45.98
CA GLY A 26 -26.63 0.66 47.34
C GLY A 26 -25.62 1.78 47.47
N PRO A 27 -25.31 2.17 48.72
CA PRO A 27 -24.44 3.33 48.96
C PRO A 27 -22.95 3.08 48.71
N VAL A 28 -22.22 4.16 48.66
CA VAL A 28 -20.80 4.15 48.38
C VAL A 28 -20.18 5.31 49.17
N SER A 29 -18.95 5.16 49.64
CA SER A 29 -18.27 6.28 50.29
C SER A 29 -17.41 7.02 49.28
N ALA A 30 -17.48 8.35 49.28
CA ALA A 30 -16.68 9.17 48.40
C ALA A 30 -15.90 10.22 49.17
N PHE A 31 -14.63 10.39 48.81
CA PHE A 31 -13.83 11.45 49.39
C PHE A 31 -13.27 12.22 48.21
N LEU A 32 -13.81 13.42 48.03
CA LEU A 32 -13.60 14.20 46.82
C LEU A 32 -12.89 15.48 47.15
N GLY A 33 -11.92 15.86 46.33
CA GLY A 33 -11.20 17.09 46.55
C GLY A 33 -10.11 16.97 47.61
N ILE A 34 -9.50 15.80 47.74
CA ILE A 34 -8.37 15.63 48.65
C ILE A 34 -7.11 16.26 48.05
N PRO A 35 -6.50 17.20 48.78
CA PRO A 35 -5.30 17.87 48.25
C PRO A 35 -4.08 16.97 48.33
N PHE A 36 -3.35 16.78 47.20
CA PHE A 36 -2.18 15.92 47.27
C PHE A 36 -0.91 16.69 46.98
N ALA A 37 -1.05 17.95 46.60
CA ALA A 37 0.13 18.77 46.36
C ALA A 37 -0.11 20.15 46.92
N GLU A 38 0.98 20.88 47.18
CA GLU A 38 0.88 22.33 47.39
C GLU A 38 0.35 22.99 46.11
N PRO A 39 -0.52 24.00 46.24
CA PRO A 39 -1.05 24.71 45.07
C PRO A 39 0.05 25.25 44.18
N PRO A 40 0.11 24.80 42.91
CA PRO A 40 1.22 25.17 42.06
C PRO A 40 1.01 26.57 41.43
N MET A 41 1.01 27.58 42.29
CA MET A 41 0.69 28.95 41.90
C MET A 41 1.88 29.86 42.05
N GLY A 42 1.79 31.03 41.42
CA GLY A 42 2.81 32.05 41.55
C GLY A 42 4.16 31.53 41.13
N PRO A 43 5.13 31.55 42.06
CA PRO A 43 6.47 31.07 41.75
C PRO A 43 6.47 29.58 41.39
N ARG A 44 5.45 28.83 41.80
CA ARG A 44 5.38 27.40 41.54
C ARG A 44 4.78 26.99 40.19
N ARG A 45 4.27 27.96 39.42
CA ARG A 45 3.83 27.66 38.05
C ARG A 45 5.00 27.09 37.22
N PHE A 46 4.76 26.02 36.47
CA PHE A 46 5.74 25.31 35.64
C PHE A 46 6.72 24.43 36.43
N LEU A 47 6.67 24.51 37.75
CA LEU A 47 7.54 23.71 38.58
C LEU A 47 6.94 22.34 38.92
N PRO A 48 7.82 21.38 39.25
CA PRO A 48 7.35 20.10 39.79
C PRO A 48 6.44 20.29 40.98
N PRO A 49 5.45 19.40 41.17
CA PRO A 49 4.57 19.47 42.33
C PRO A 49 5.30 19.23 43.64
N GLU A 50 4.94 19.96 44.69
CA GLU A 50 5.43 19.64 46.02
C GLU A 50 4.34 18.93 46.80
N PRO A 51 4.72 17.94 47.60
CA PRO A 51 3.77 17.22 48.47
C PRO A 51 2.99 18.20 49.34
N LYS A 52 1.70 17.96 49.50
CA LYS A 52 0.86 18.79 50.35
C LYS A 52 1.40 18.77 51.78
N GLN A 53 1.62 19.95 52.35
N GLN A 53 1.65 19.94 52.35
CA GLN A 53 2.04 20.06 53.76
CA GLN A 53 2.07 20.00 53.76
C GLN A 53 0.86 19.66 54.67
C GLN A 53 0.87 19.62 54.65
N PRO A 54 1.15 19.03 55.82
CA PRO A 54 0.09 18.60 56.74
C PRO A 54 -0.80 19.75 57.24
N TRP A 55 -2.06 19.42 57.48
CA TRP A 55 -3.03 20.41 57.96
C TRP A 55 -3.61 20.02 59.32
N SER A 56 -4.16 21.01 60.01
CA SER A 56 -4.87 20.77 61.25
C SER A 56 -6.37 20.85 60.96
N GLY A 57 -7.19 20.27 61.82
CA GLY A 57 -8.61 20.21 61.55
C GLY A 57 -8.99 19.22 60.45
N VAL A 58 -10.18 19.39 59.91
CA VAL A 58 -10.73 18.41 58.98
C VAL A 58 -10.93 19.04 57.61
N VAL A 59 -10.28 18.48 56.59
CA VAL A 59 -10.54 18.90 55.22
C VAL A 59 -11.92 18.41 54.82
N ASP A 60 -12.71 19.33 54.26
CA ASP A 60 -14.00 19.00 53.66
C ASP A 60 -13.77 18.29 52.32
N ALA A 61 -14.07 16.99 52.27
CA ALA A 61 -13.88 16.22 51.04
C ALA A 61 -15.22 15.66 50.52
N THR A 62 -16.18 16.55 50.33
CA THR A 62 -17.55 16.17 50.03
C THR A 62 -17.95 16.67 48.65
N THR A 63 -17.06 17.41 48.00
CA THR A 63 -17.33 17.92 46.66
C THR A 63 -16.06 17.97 45.78
N PHE A 64 -16.23 17.87 44.46
CA PHE A 64 -15.11 18.01 43.54
C PHE A 64 -14.44 19.36 43.70
N GLN A 65 -13.13 19.36 43.54
CA GLN A 65 -12.41 20.62 43.57
C GLN A 65 -12.30 21.20 42.15
N SER A 66 -11.64 22.36 42.06
CA SER A 66 -11.49 23.11 40.83
C SER A 66 -10.84 22.32 39.67
N VAL A 67 -11.14 22.72 38.45
CA VAL A 67 -10.54 22.12 37.26
C VAL A 67 -9.26 22.87 36.89
N CYS A 68 -8.21 22.15 36.51
CA CYS A 68 -6.98 22.84 36.12
C CYS A 68 -7.27 23.71 34.91
N TYR A 69 -6.64 24.89 34.86
CA TYR A 69 -6.84 25.82 33.74
C TYR A 69 -6.64 25.18 32.35
N GLN A 70 -7.65 25.30 31.51
CA GLN A 70 -7.64 24.72 30.18
C GLN A 70 -8.60 25.46 29.26
N TYR A 71 -8.40 25.26 27.97
CA TYR A 71 -9.28 25.77 26.93
C TYR A 71 -10.63 25.10 27.03
N VAL A 72 -11.71 25.85 26.80
CA VAL A 72 -13.08 25.33 26.81
C VAL A 72 -13.64 25.22 25.39
N ASP A 73 -14.04 24.01 24.98
CA ASP A 73 -14.55 23.74 23.63
C ASP A 73 -15.85 24.50 23.34
N THR A 74 -15.81 25.39 22.35
CA THR A 74 -17.00 26.17 21.94
C THR A 74 -17.41 25.94 20.49
N LEU A 75 -17.08 24.78 19.94
CA LEU A 75 -17.46 24.44 18.56
C LEU A 75 -18.98 24.29 18.41
N TYR A 76 -19.62 23.62 19.37
CA TYR A 76 -21.07 23.46 19.35
C TYR A 76 -21.70 23.80 20.70
N PRO A 77 -21.83 25.10 21.00
CA PRO A 77 -22.32 25.57 22.30
C PRO A 77 -23.61 24.88 22.73
N GLY A 78 -23.63 24.30 23.93
CA GLY A 78 -24.81 23.62 24.46
C GLY A 78 -25.04 22.19 23.99
N PHE A 79 -24.24 21.74 23.03
CA PHE A 79 -24.37 20.38 22.50
C PHE A 79 -23.83 19.37 23.54
N GLU A 80 -24.61 18.33 23.81
CA GLU A 80 -24.22 17.30 24.78
C GLU A 80 -22.86 16.66 24.44
N GLY A 81 -22.61 16.41 23.15
CA GLY A 81 -21.44 15.67 22.71
C GLY A 81 -20.12 16.36 22.99
N THR A 82 -20.15 17.68 23.04
CA THR A 82 -18.97 18.45 23.41
C THR A 82 -19.00 18.89 24.90
N GLU A 83 -20.15 19.32 25.40
CA GLU A 83 -20.17 19.88 26.76
C GLU A 83 -19.84 18.83 27.84
N MET A 84 -20.13 17.56 27.57
CA MET A 84 -19.83 16.49 28.53
C MET A 84 -18.33 16.37 28.82
N TRP A 85 -17.46 16.99 28.01
CA TRP A 85 -16.00 16.96 28.23
C TRP A 85 -15.50 18.27 28.81
N ASN A 86 -16.33 19.30 28.74
CA ASN A 86 -15.94 20.62 29.24
C ASN A 86 -15.88 20.69 30.79
N PRO A 87 -15.08 21.62 31.32
CA PRO A 87 -14.98 21.74 32.79
C PRO A 87 -16.36 21.89 33.43
N ASN A 88 -16.59 21.20 34.55
CA ASN A 88 -17.86 21.32 35.26
C ASN A 88 -17.64 21.81 36.68
N ARG A 89 -16.51 22.49 36.90
CA ARG A 89 -16.20 23.23 38.13
C ARG A 89 -15.40 24.39 37.65
N GLU A 90 -15.26 25.40 38.49
CA GLU A 90 -14.55 26.60 38.04
C GLU A 90 -13.09 26.27 37.78
N LEU A 91 -12.46 27.03 36.90
CA LEU A 91 -11.05 26.86 36.60
C LEU A 91 -10.20 27.47 37.69
N SER A 92 -9.08 26.83 37.98
CA SER A 92 -8.07 27.39 38.90
C SER A 92 -6.74 26.69 38.70
N GLU A 93 -5.63 27.38 38.98
CA GLU A 93 -4.32 26.72 39.04
C GLU A 93 -4.21 25.90 40.32
N ASP A 94 -5.02 26.27 41.32
CA ASP A 94 -5.12 25.50 42.55
C ASP A 94 -6.07 24.37 42.25
N CYS A 95 -5.55 23.32 41.62
CA CYS A 95 -6.40 22.25 41.08
C CYS A 95 -5.88 20.84 41.39
N LEU A 96 -4.80 20.77 42.14
CA LEU A 96 -4.16 19.49 42.35
C LEU A 96 -4.84 18.73 43.49
N TYR A 97 -5.99 18.15 43.16
CA TYR A 97 -6.75 17.37 44.14
C TYR A 97 -7.03 16.01 43.54
N LEU A 98 -7.26 15.01 44.39
CA LEU A 98 -7.64 13.69 43.90
C LEU A 98 -8.90 13.21 44.64
N ASN A 99 -9.50 12.13 44.14
CA ASN A 99 -10.75 11.60 44.67
C ASN A 99 -10.64 10.13 44.95
N VAL A 100 -11.32 9.68 46.00
CA VAL A 100 -11.35 8.26 46.35
C VAL A 100 -12.80 7.82 46.51
N TRP A 101 -13.19 6.79 45.78
CA TRP A 101 -14.48 6.15 46.03
C TRP A 101 -14.19 4.79 46.62
N THR A 102 -14.98 4.40 47.62
CA THR A 102 -14.79 3.13 48.29
C THR A 102 -16.16 2.53 48.59
N PRO A 103 -16.24 1.20 48.76
CA PRO A 103 -17.53 0.63 49.20
C PRO A 103 -18.00 1.19 50.55
N TYR A 104 -19.30 1.12 50.80
CA TYR A 104 -19.86 1.51 52.10
C TYR A 104 -20.53 0.30 52.75
N PRO A 105 -20.12 -0.06 53.98
CA PRO A 105 -19.08 0.66 54.74
C PRO A 105 -17.67 0.34 54.22
N ARG A 106 -16.68 1.18 54.55
CA ARG A 106 -15.32 1.00 54.04
C ARG A 106 -14.85 -0.41 54.25
N PRO A 107 -14.22 -1.00 53.23
CA PRO A 107 -13.68 -2.36 53.29
C PRO A 107 -12.80 -2.54 54.51
N THR A 108 -12.77 -3.75 55.08
CA THR A 108 -11.93 -4.00 56.24
C THR A 108 -10.82 -4.98 55.89
N SER A 109 -10.75 -5.36 54.61
CA SER A 109 -9.61 -6.11 54.11
C SER A 109 -9.13 -5.48 52.79
N PRO A 110 -7.83 -5.55 52.50
CA PRO A 110 -7.23 -4.92 51.31
C PRO A 110 -8.05 -5.16 50.03
N THR A 111 -8.56 -4.08 49.46
CA THR A 111 -9.37 -4.09 48.25
C THR A 111 -8.50 -3.60 47.07
N PRO A 112 -8.56 -4.29 45.91
CA PRO A 112 -7.79 -3.86 44.71
C PRO A 112 -8.16 -2.43 44.28
N VAL A 113 -7.13 -1.67 43.88
CA VAL A 113 -7.30 -0.27 43.51
C VAL A 113 -7.21 -0.03 41.99
N LEU A 114 -8.21 0.68 41.47
CA LEU A 114 -8.18 1.21 40.10
C LEU A 114 -7.83 2.71 40.16
N VAL A 115 -6.85 3.14 39.37
CA VAL A 115 -6.53 4.56 39.30
C VAL A 115 -6.79 5.13 37.92
N TRP A 116 -7.64 6.14 37.86
CA TRP A 116 -8.09 6.70 36.59
C TRP A 116 -7.32 7.95 36.22
N ILE A 117 -6.73 7.94 35.03
CA ILE A 117 -6.08 9.12 34.50
C ILE A 117 -6.83 9.62 33.27
N TYR A 118 -7.38 10.83 33.31
CA TYR A 118 -8.20 11.29 32.19
C TYR A 118 -7.37 11.73 30.99
N GLY A 119 -8.02 11.73 29.83
CA GLY A 119 -7.48 12.27 28.58
C GLY A 119 -8.00 13.66 28.30
N GLY A 120 -7.69 14.16 27.11
CA GLY A 120 -7.98 15.52 26.71
C GLY A 120 -6.80 16.16 26.03
N GLY A 121 -5.99 15.35 25.32
CA GLY A 121 -4.91 15.84 24.47
C GLY A 121 -3.78 16.49 25.24
N PHE A 122 -3.74 16.25 26.56
CA PHE A 122 -2.82 16.93 27.48
C PHE A 122 -3.12 18.43 27.58
N TYR A 123 -4.21 18.91 26.98
CA TYR A 123 -4.54 20.34 27.07
C TYR A 123 -5.87 20.54 27.84
N SER A 124 -6.53 19.44 28.21
CA SER A 124 -7.84 19.55 28.85
C SER A 124 -8.20 18.29 29.64
N GLY A 125 -9.31 18.35 30.37
CA GLY A 125 -9.83 17.20 31.07
C GLY A 125 -9.96 17.50 32.55
N ALA A 126 -10.78 16.71 33.23
CA ALA A 126 -10.95 16.87 34.68
C ALA A 126 -11.40 15.56 35.29
N SER A 127 -11.02 15.30 36.54
CA SER A 127 -11.45 14.07 37.17
C SER A 127 -12.92 14.19 37.67
N SER A 128 -13.48 15.40 37.59
CA SER A 128 -14.83 15.68 38.11
C SER A 128 -15.95 15.46 37.09
N LEU A 129 -15.60 15.18 35.82
CA LEU A 129 -16.62 15.04 34.77
C LEU A 129 -17.59 13.94 35.15
N ASP A 130 -18.87 14.12 34.79
CA ASP A 130 -19.90 13.12 35.11
C ASP A 130 -19.55 11.74 34.58
N VAL A 131 -18.88 11.70 33.43
CA VAL A 131 -18.68 10.42 32.76
C VAL A 131 -17.57 9.62 33.46
N TYR A 132 -16.84 10.23 34.38
CA TYR A 132 -15.81 9.54 35.16
C TYR A 132 -16.24 9.22 36.61
N ASP A 133 -17.53 9.30 36.88
CA ASP A 133 -18.09 9.07 38.23
C ASP A 133 -17.77 7.66 38.74
N GLY A 134 -16.92 7.54 39.77
CA GLY A 134 -16.53 6.23 40.29
C GLY A 134 -17.57 5.36 41.02
N ARG A 135 -18.74 5.92 41.34
CA ARG A 135 -19.66 5.25 42.27
C ARG A 135 -20.15 3.89 41.77
N PHE A 136 -20.39 3.74 40.46
CA PHE A 136 -21.02 2.51 39.97
C PHE A 136 -20.05 1.34 39.91
N LEU A 137 -18.80 1.62 39.54
CA LEU A 137 -17.76 0.58 39.49
C LEU A 137 -17.44 0.11 40.90
N VAL A 138 -17.33 1.07 41.79
CA VAL A 138 -16.99 0.75 43.15
C VAL A 138 -18.08 -0.10 43.80
N GLN A 139 -19.35 0.25 43.57
CA GLN A 139 -20.41 -0.51 44.23
C GLN A 139 -20.51 -1.89 43.58
N ALA A 140 -20.45 -1.94 42.25
CA ALA A 140 -20.72 -3.19 41.53
C ALA A 140 -19.59 -4.19 41.66
N GLU A 141 -18.35 -3.69 41.74
CA GLU A 141 -17.21 -4.60 41.60
C GLU A 141 -16.33 -4.60 42.82
N ARG A 142 -16.63 -3.67 43.74
CA ARG A 142 -16.01 -3.67 45.04
C ARG A 142 -14.51 -3.48 44.94
N THR A 143 -14.15 -2.44 44.21
CA THR A 143 -12.78 -1.97 44.14
C THR A 143 -12.73 -0.65 44.87
N VAL A 144 -11.54 -0.20 45.21
CA VAL A 144 -11.35 1.21 45.51
C VAL A 144 -10.97 1.91 44.17
N LEU A 145 -11.58 3.06 43.91
CA LEU A 145 -11.29 3.83 42.71
C LEU A 145 -10.76 5.20 43.08
N VAL A 146 -9.65 5.56 42.45
CA VAL A 146 -8.97 6.85 42.65
C VAL A 146 -8.82 7.57 41.31
N SER A 147 -9.05 8.89 41.31
CA SER A 147 -8.72 9.70 40.14
C SER A 147 -8.09 11.00 40.61
N MET A 148 -7.16 11.53 39.83
CA MET A 148 -6.54 12.80 40.16
C MET A 148 -6.71 13.84 39.05
N ASN A 149 -6.62 15.11 39.45
CA ASN A 149 -6.44 16.16 38.48
C ASN A 149 -4.93 16.34 38.28
N TYR A 150 -4.51 16.62 37.05
CA TYR A 150 -3.11 16.94 36.79
C TYR A 150 -3.08 18.12 35.85
N ARG A 151 -2.05 18.94 35.94
CA ARG A 151 -1.96 20.15 35.12
C ARG A 151 -1.86 19.81 33.63
N VAL A 152 -2.58 20.58 32.82
CA VAL A 152 -2.62 20.38 31.38
C VAL A 152 -2.17 21.65 30.70
N GLY A 153 -1.99 21.60 29.38
CA GLY A 153 -1.60 22.77 28.62
C GLY A 153 -0.22 23.23 29.03
N ALA A 154 0.06 24.51 28.88
CA ALA A 154 1.35 25.05 29.28
C ALA A 154 1.65 24.79 30.75
N PHE A 155 0.62 24.90 31.61
CA PHE A 155 0.82 24.71 33.05
C PHE A 155 1.41 23.36 33.39
N GLY A 156 1.04 22.35 32.61
CA GLY A 156 1.57 21.01 32.85
C GLY A 156 2.74 20.59 31.98
N PHE A 157 2.86 21.18 30.78
CA PHE A 157 3.84 20.64 29.80
C PHE A 157 4.65 21.67 29.02
N LEU A 158 4.58 22.94 29.41
CA LEU A 158 5.51 23.92 28.85
C LEU A 158 6.92 23.57 29.32
N ALA A 159 7.86 23.52 28.37
CA ALA A 159 9.21 23.09 28.69
C ALA A 159 10.27 23.95 28.00
N LEU A 160 11.19 24.50 28.79
CA LEU A 160 12.46 25.01 28.27
C LEU A 160 13.54 24.04 28.74
N PRO A 161 13.81 23.00 27.93
CA PRO A 161 14.69 21.89 28.34
C PRO A 161 16.07 22.35 28.82
N GLY A 162 16.50 21.78 29.94
CA GLY A 162 17.74 22.17 30.57
C GLY A 162 17.56 23.19 31.67
N SER A 163 16.46 23.94 31.63
CA SER A 163 16.16 24.95 32.65
C SER A 163 15.52 24.32 33.88
N ARG A 164 15.76 24.88 35.05
CA ARG A 164 15.09 24.35 36.21
C ARG A 164 13.81 25.14 36.50
N GLU A 165 13.59 26.23 35.77
CA GLU A 165 12.40 27.06 35.93
C GLU A 165 11.20 26.53 35.15
N ALA A 166 11.44 25.83 34.05
CA ALA A 166 10.38 25.12 33.33
C ALA A 166 10.92 23.86 32.69
N PRO A 167 11.11 22.80 33.49
CA PRO A 167 11.76 21.56 33.07
C PRO A 167 10.90 20.68 32.18
N GLY A 168 9.59 20.90 32.19
CA GLY A 168 8.68 20.09 31.39
C GLY A 168 8.19 18.87 32.16
N ASN A 169 7.09 18.29 31.68
CA ASN A 169 6.53 17.05 32.20
C ASN A 169 5.96 17.12 33.63
N VAL A 170 5.76 18.31 34.17
CA VAL A 170 5.33 18.42 35.57
C VAL A 170 3.89 17.92 35.75
N GLY A 171 3.10 17.95 34.68
CA GLY A 171 1.78 17.34 34.68
C GLY A 171 1.88 15.84 34.89
N LEU A 172 2.91 15.22 34.29
CA LEU A 172 3.19 13.81 34.54
C LEU A 172 3.65 13.58 35.97
N LEU A 173 4.44 14.52 36.50
CA LEU A 173 4.89 14.44 37.89
C LEU A 173 3.70 14.62 38.85
N ASP A 174 2.72 15.47 38.50
CA ASP A 174 1.45 15.56 39.24
C ASP A 174 0.84 14.18 39.36
N GLN A 175 0.81 13.45 38.24
CA GLN A 175 0.24 12.10 38.24
C GLN A 175 1.04 11.13 39.12
N ARG A 176 2.37 11.20 39.02
CA ARG A 176 3.25 10.34 39.81
C ARG A 176 3.06 10.62 41.30
N LEU A 177 2.96 11.90 41.66
CA LEU A 177 2.81 12.30 43.04
C LEU A 177 1.50 11.74 43.57
N ALA A 178 0.44 11.79 42.77
CA ALA A 178 -0.84 11.17 43.17
C ALA A 178 -0.69 9.64 43.35
N LEU A 179 0.07 8.98 42.47
CA LEU A 179 0.34 7.56 42.65
C LEU A 179 1.16 7.27 43.91
N GLN A 180 2.09 8.16 44.25
CA GLN A 180 2.84 8.04 45.48
C GLN A 180 1.87 8.23 46.66
N TRP A 181 0.96 9.19 46.54
CA TRP A 181 -0.06 9.42 47.58
C TRP A 181 -0.88 8.17 47.80
N VAL A 182 -1.21 7.47 46.71
CA VAL A 182 -2.01 6.25 46.79
C VAL A 182 -1.25 5.17 47.55
N GLN A 183 0.05 5.01 47.26
CA GLN A 183 0.91 4.07 47.98
C GLN A 183 0.92 4.33 49.49
N GLU A 184 1.10 5.59 49.87
CA GLU A 184 1.17 5.95 51.28
C GLU A 184 -0.19 5.95 52.00
N ASN A 185 -1.29 6.22 51.29
CA ASN A 185 -2.55 6.52 51.96
C ASN A 185 -3.78 5.67 51.65
N VAL A 186 -3.76 4.88 50.59
CA VAL A 186 -4.97 4.21 50.18
C VAL A 186 -5.44 3.14 51.18
N ALA A 187 -4.50 2.55 51.93
CA ALA A 187 -4.87 1.53 52.92
C ALA A 187 -5.85 2.10 53.95
N ALA A 188 -5.71 3.39 54.24
CA ALA A 188 -6.60 4.07 55.18
C ALA A 188 -8.05 4.06 54.69
N PHE A 189 -8.26 3.72 53.41
CA PHE A 189 -9.63 3.65 52.86
C PHE A 189 -10.08 2.22 52.60
N GLY A 190 -9.21 1.26 52.92
CA GLY A 190 -9.48 -0.15 52.63
C GLY A 190 -8.86 -0.62 51.32
N GLY A 191 -8.06 0.25 50.69
CA GLY A 191 -7.45 -0.10 49.42
C GLY A 191 -6.14 -0.84 49.64
N ASP A 192 -5.77 -1.65 48.67
CA ASP A 192 -4.57 -2.45 48.73
C ASP A 192 -3.48 -1.85 47.86
N PRO A 193 -2.47 -1.23 48.48
CA PRO A 193 -1.40 -0.56 47.72
C PRO A 193 -0.51 -1.53 46.93
N THR A 194 -0.66 -2.83 47.17
CA THR A 194 0.09 -3.88 46.44
C THR A 194 -0.70 -4.39 45.23
N SER A 195 -1.88 -3.82 44.97
CA SER A 195 -2.68 -4.19 43.81
C SER A 195 -3.30 -2.94 43.18
N VAL A 196 -2.49 -2.20 42.44
CA VAL A 196 -2.94 -0.96 41.82
C VAL A 196 -2.93 -1.09 40.30
N THR A 197 -4.10 -0.88 39.72
CA THR A 197 -4.26 -0.92 38.28
C THR A 197 -4.53 0.50 37.75
N LEU A 198 -3.62 0.96 36.88
CA LEU A 198 -3.82 2.21 36.16
C LEU A 198 -4.69 1.99 34.94
N PHE A 199 -5.68 2.85 34.74
CA PHE A 199 -6.40 2.88 33.46
C PHE A 199 -6.65 4.32 33.06
N GLY A 200 -6.74 4.53 31.76
CA GLY A 200 -6.85 5.86 31.20
C GLY A 200 -7.22 5.79 29.73
N GLU A 201 -7.71 6.90 29.19
CA GLU A 201 -8.22 6.92 27.84
C GLU A 201 -7.56 8.08 27.09
N SER A 202 -7.19 7.83 25.82
CA SER A 202 -6.55 8.83 25.00
C SER A 202 -5.26 9.35 25.69
N ALA A 203 -5.10 10.65 25.91
CA ALA A 203 -3.88 11.16 26.58
C ALA A 203 -3.67 10.53 27.96
N GLY A 204 -4.77 10.13 28.60
CA GLY A 204 -4.68 9.33 29.82
C GLY A 204 -4.07 7.96 29.57
N ALA A 205 -4.46 7.32 28.49
CA ALA A 205 -3.82 6.06 28.08
C ALA A 205 -2.34 6.29 27.73
N ALA A 206 -2.04 7.37 27.00
CA ALA A 206 -0.66 7.72 26.70
C ALA A 206 0.16 7.91 28.00
N SER A 207 -0.49 8.49 29.00
CA SER A 207 0.12 8.75 30.30
C SER A 207 0.43 7.45 31.03
N VAL A 208 -0.55 6.55 31.09
CA VAL A 208 -0.34 5.22 31.63
C VAL A 208 0.91 4.57 31.01
N GLY A 209 0.94 4.49 29.68
CA GLY A 209 2.11 4.01 28.95
C GLY A 209 3.39 4.69 29.36
N MET A 210 3.34 5.99 29.56
CA MET A 210 4.54 6.70 29.95
C MET A 210 5.00 6.33 31.35
N HIS A 211 4.06 6.09 32.28
CA HIS A 211 4.45 5.57 33.58
C HIS A 211 5.03 4.13 33.45
N LEU A 212 4.51 3.32 32.54
CA LEU A 212 5.12 2.03 32.25
C LEU A 212 6.61 2.17 31.90
N LEU A 213 6.94 3.20 31.14
CA LEU A 213 8.27 3.36 30.56
C LEU A 213 9.20 4.23 31.39
N SER A 214 8.74 4.63 32.58
CA SER A 214 9.55 5.47 33.44
C SER A 214 9.75 4.79 34.78
N PRO A 215 10.98 4.29 35.04
CA PRO A 215 11.27 3.46 36.23
C PRO A 215 10.78 4.02 37.59
N PRO A 216 10.87 5.35 37.84
CA PRO A 216 10.31 5.79 39.14
C PRO A 216 8.79 5.65 39.27
N SER A 217 8.05 5.54 38.17
CA SER A 217 6.60 5.33 38.26
C SER A 217 6.26 3.85 38.34
N ARG A 218 7.17 3.03 37.84
CA ARG A 218 6.86 1.63 37.58
C ARG A 218 6.62 0.85 38.89
N GLY A 219 7.27 1.27 39.97
CA GLY A 219 7.02 0.64 41.25
C GLY A 219 5.80 1.16 41.99
N LEU A 220 5.02 2.03 41.33
CA LEU A 220 3.85 2.64 41.97
C LEU A 220 2.53 1.97 41.59
N PHE A 221 2.59 0.98 40.70
CA PHE A 221 1.40 0.27 40.27
C PHE A 221 1.79 -1.11 39.71
N HIS A 222 0.82 -1.93 39.34
CA HIS A 222 1.09 -3.32 39.04
C HIS A 222 0.57 -3.77 37.69
N ARG A 223 -0.54 -3.18 37.26
CA ARG A 223 -1.14 -3.51 35.97
C ARG A 223 -1.59 -2.24 35.28
N ALA A 224 -1.96 -2.36 34.01
CA ALA A 224 -2.21 -1.16 33.22
C ALA A 224 -3.29 -1.40 32.15
N VAL A 225 -4.16 -0.40 31.98
CA VAL A 225 -5.18 -0.45 30.96
C VAL A 225 -5.01 0.78 30.09
N LEU A 226 -4.84 0.56 28.78
CA LEU A 226 -4.71 1.67 27.85
C LEU A 226 -5.84 1.67 26.83
N GLN A 227 -6.75 2.63 26.97
CA GLN A 227 -7.92 2.76 26.11
C GLN A 227 -7.72 3.88 25.08
N SER A 228 -7.69 3.52 23.78
CA SER A 228 -7.65 4.51 22.68
C SER A 228 -6.50 5.48 22.83
N GLY A 229 -5.33 4.96 23.17
CA GLY A 229 -4.18 5.83 23.29
C GLY A 229 -2.95 5.03 23.67
N ALA A 230 -1.79 5.65 23.47
CA ALA A 230 -0.52 4.94 23.59
C ALA A 230 0.59 6.00 23.65
N PRO A 231 1.64 5.74 24.43
CA PRO A 231 2.67 6.77 24.62
C PRO A 231 3.50 7.01 23.33
N ASN A 232 3.44 6.05 22.41
CA ASN A 232 4.11 6.17 21.11
C ASN A 232 3.23 6.83 20.04
N GLY A 233 2.03 7.27 20.43
CA GLY A 233 1.26 8.13 19.53
C GLY A 233 2.07 9.31 18.95
N PRO A 234 1.90 9.61 17.65
CA PRO A 234 2.64 10.74 17.06
C PRO A 234 2.29 12.12 17.70
N TRP A 235 1.20 12.18 18.45
CA TRP A 235 0.76 13.41 19.10
C TRP A 235 1.17 13.47 20.58
N ALA A 236 1.65 12.35 21.13
CA ALA A 236 1.80 12.20 22.59
C ALA A 236 3.09 12.77 23.17
N THR A 237 4.12 12.92 22.34
CA THR A 237 5.39 13.47 22.81
C THR A 237 5.92 14.50 21.83
N VAL A 238 6.91 15.27 22.27
CA VAL A 238 7.54 16.28 21.43
C VAL A 238 9.05 16.25 21.78
N GLY A 239 9.91 16.57 20.81
CA GLY A 239 11.34 16.62 21.08
C GLY A 239 11.74 17.91 21.81
N MET A 240 12.94 17.91 22.39
CA MET A 240 13.42 19.06 23.16
C MET A 240 13.45 20.35 22.32
N GLY A 241 13.95 20.23 21.08
CA GLY A 241 14.12 21.38 20.22
C GLY A 241 12.79 22.04 19.92
N GLU A 242 11.81 21.21 19.57
CA GLU A 242 10.47 21.69 19.24
C GLU A 242 9.72 22.18 20.50
N ALA A 243 9.97 21.58 21.66
CA ALA A 243 9.33 22.06 22.89
C ALA A 243 9.83 23.47 23.19
N ARG A 244 11.13 23.67 23.07
CA ARG A 244 11.70 25.01 23.28
C ARG A 244 11.12 26.02 22.32
N ARG A 245 10.96 25.64 21.06
CA ARG A 245 10.41 26.57 20.09
C ARG A 245 9.00 26.97 20.48
N ARG A 246 8.18 25.99 20.84
CA ARG A 246 6.79 26.25 21.20
C ARG A 246 6.68 27.12 22.44
N ALA A 247 7.46 26.82 23.47
CA ALA A 247 7.52 27.64 24.69
C ALA A 247 7.89 29.08 24.35
N THR A 248 8.83 29.24 23.43
CA THR A 248 9.34 30.55 23.04
C THR A 248 8.28 31.33 22.26
N GLN A 249 7.57 30.64 21.36
N GLN A 249 7.57 30.65 21.37
CA GLN A 249 6.50 31.28 20.62
CA GLN A 249 6.51 31.30 20.62
C GLN A 249 5.35 31.73 21.54
C GLN A 249 5.31 31.70 21.51
N LEU A 250 5.06 30.95 22.58
CA LEU A 250 4.00 31.33 23.52
C LEU A 250 4.43 32.63 24.19
N ALA A 251 5.66 32.68 24.68
CA ALA A 251 6.14 33.87 25.37
C ALA A 251 5.93 35.11 24.50
N HIS A 252 6.32 35.00 23.23
CA HIS A 252 6.22 36.10 22.29
C HIS A 252 4.77 36.53 22.06
N LEU A 253 3.88 35.55 21.92
CA LEU A 253 2.45 35.80 21.71
C LEU A 253 1.78 36.49 22.89
N VAL A 254 2.36 36.40 24.08
CA VAL A 254 1.74 37.03 25.26
C VAL A 254 2.58 38.20 25.80
N GLY A 255 3.49 38.69 24.96
CA GLY A 255 4.24 39.90 25.25
C GLY A 255 5.46 39.76 26.14
N CYS A 256 6.01 38.56 26.20
CA CYS A 256 7.19 38.31 27.00
C CYS A 256 8.40 38.18 26.09
N PRO A 257 9.57 38.61 26.58
CA PRO A 257 10.78 38.58 25.76
C PRO A 257 11.53 37.27 25.94
N ASN A 264 17.13 34.41 27.40
CA ASN A 264 17.41 33.97 28.76
C ASN A 264 16.19 33.27 29.38
N ASP A 265 16.29 31.96 29.61
CA ASP A 265 15.18 31.16 30.11
C ASP A 265 14.59 31.70 31.42
N THR A 266 15.46 32.13 32.33
CA THR A 266 15.00 32.67 33.60
C THR A 266 14.08 33.89 33.40
N GLU A 267 14.52 34.84 32.58
CA GLU A 267 13.70 36.01 32.29
C GLU A 267 12.40 35.60 31.62
N LEU A 268 12.50 34.65 30.69
CA LEU A 268 11.32 34.23 29.93
C LEU A 268 10.25 33.58 30.83
N VAL A 269 10.63 32.66 31.70
CA VAL A 269 9.68 32.01 32.57
C VAL A 269 9.13 33.02 33.58
N ALA A 270 10.00 33.90 34.07
CA ALA A 270 9.57 34.90 35.03
C ALA A 270 8.46 35.76 34.41
N CYS A 271 8.62 36.15 33.15
CA CYS A 271 7.62 36.96 32.51
C CYS A 271 6.33 36.17 32.32
N LEU A 272 6.44 34.92 31.84
CA LEU A 272 5.26 34.05 31.72
C LEU A 272 4.49 33.89 33.05
N ARG A 273 5.22 33.90 34.17
CA ARG A 273 4.59 33.71 35.47
C ARG A 273 3.77 34.94 35.88
N THR A 274 4.00 36.09 35.24
CA THR A 274 3.28 37.29 35.61
C THR A 274 1.96 37.38 34.88
N ARG A 275 1.77 36.49 33.91
CA ARG A 275 0.58 36.46 33.09
C ARG A 275 -0.55 35.69 33.73
N PRO A 276 -1.78 36.24 33.68
CA PRO A 276 -2.97 35.49 34.09
C PRO A 276 -3.07 34.17 33.33
N ALA A 277 -3.50 33.12 34.02
CA ALA A 277 -3.59 31.78 33.45
C ALA A 277 -4.42 31.78 32.17
N GLN A 278 -5.51 32.53 32.19
CA GLN A 278 -6.44 32.59 31.06
C GLN A 278 -5.76 33.14 29.79
N VAL A 279 -4.74 33.98 29.97
CA VAL A 279 -3.99 34.56 28.86
C VAL A 279 -3.15 33.49 28.14
N LEU A 280 -2.56 32.58 28.91
CA LEU A 280 -1.76 31.51 28.32
C LEU A 280 -2.71 30.60 27.57
N VAL A 281 -3.80 30.23 28.22
CA VAL A 281 -4.82 29.44 27.56
C VAL A 281 -5.27 30.05 26.22
N ASN A 282 -5.46 31.37 26.16
CA ASN A 282 -6.02 31.99 24.97
C ASN A 282 -5.10 31.89 23.75
N HIS A 283 -3.82 31.67 23.97
CA HIS A 283 -2.85 31.66 22.88
C HIS A 283 -2.28 30.28 22.55
N GLU A 284 -2.67 29.26 23.31
CA GLU A 284 -1.94 27.99 23.23
C GLU A 284 -2.17 27.28 21.90
N TRP A 285 -3.36 27.42 21.32
CA TRP A 285 -3.67 26.71 20.10
C TRP A 285 -2.84 27.28 18.93
N HIS A 286 -2.41 28.52 19.08
CA HIS A 286 -1.76 29.23 17.98
C HIS A 286 -0.23 29.10 17.96
N VAL A 287 0.33 28.20 18.77
CA VAL A 287 1.78 27.97 18.71
C VAL A 287 2.14 26.75 17.83
N LEU A 288 1.13 26.01 17.39
CA LEU A 288 1.37 24.81 16.57
C LEU A 288 1.84 25.23 15.20
N PRO A 289 2.81 24.47 14.63
CA PRO A 289 3.50 24.74 13.35
C PRO A 289 2.53 24.93 12.19
N GLN A 290 1.69 23.94 11.91
CA GLN A 290 0.68 24.08 10.85
C GLN A 290 -0.75 23.86 11.36
N GLU A 291 -1.73 24.24 10.54
CA GLU A 291 -3.13 23.90 10.79
C GLU A 291 -3.23 22.38 10.92
N SER A 292 -4.00 21.93 11.91
CA SER A 292 -4.09 20.49 12.16
C SER A 292 -5.24 20.15 13.07
N VAL A 293 -5.85 19.00 12.80
CA VAL A 293 -6.59 18.29 13.83
C VAL A 293 -5.57 17.38 14.53
N PHE A 294 -5.83 17.06 15.78
N PHE A 294 -5.87 17.01 15.76
CA PHE A 294 -5.11 15.99 16.44
CA PHE A 294 -5.14 15.98 16.51
C PHE A 294 -3.68 16.29 16.86
C PHE A 294 -3.66 16.29 16.78
N ARG A 295 -3.34 17.57 16.97
CA ARG A 295 -2.02 17.96 17.46
C ARG A 295 -2.25 18.95 18.59
N PHE A 296 -1.43 18.84 19.63
CA PHE A 296 -1.59 19.64 20.83
C PHE A 296 -0.27 20.31 21.16
N SER A 297 -0.35 21.56 21.53
CA SER A 297 0.84 22.39 21.66
C SER A 297 1.80 21.93 22.76
N PHE A 298 1.26 21.65 23.96
CA PHE A 298 2.12 21.29 25.08
C PHE A 298 1.88 19.87 25.57
N VAL A 299 2.86 19.01 25.29
CA VAL A 299 2.72 17.59 25.55
C VAL A 299 3.99 17.10 26.25
N PRO A 300 4.01 15.86 26.77
CA PRO A 300 5.25 15.31 27.32
C PRO A 300 6.45 15.50 26.41
N VAL A 301 7.58 15.88 26.99
CA VAL A 301 8.80 16.08 26.21
C VAL A 301 9.78 14.95 26.52
N VAL A 302 10.47 14.49 25.49
CA VAL A 302 11.52 13.50 25.66
C VAL A 302 12.84 14.21 25.88
N ASP A 303 13.32 14.19 27.11
CA ASP A 303 14.50 14.96 27.46
C ASP A 303 15.51 14.15 28.28
N GLY A 304 15.32 12.84 28.35
CA GLY A 304 16.25 12.01 29.09
C GLY A 304 15.98 11.88 30.59
N ASP A 305 15.00 12.64 31.11
CA ASP A 305 14.69 12.53 32.54
C ASP A 305 13.50 11.58 32.74
N PHE A 306 12.27 12.11 32.71
CA PHE A 306 11.09 11.24 32.79
C PHE A 306 11.13 10.11 31.77
N LEU A 307 11.38 10.49 30.53
CA LEU A 307 11.55 9.55 29.45
C LEU A 307 13.02 9.60 29.00
N SER A 308 13.79 8.56 29.32
CA SER A 308 15.22 8.50 28.97
C SER A 308 15.43 8.34 27.44
N ASP A 309 14.40 7.93 26.71
CA ASP A 309 14.43 7.87 25.26
C ASP A 309 13.01 8.07 24.73
N THR A 310 12.81 7.99 23.43
CA THR A 310 11.46 7.98 22.88
C THR A 310 10.68 6.77 23.38
N PRO A 311 9.34 6.89 23.46
CA PRO A 311 8.58 5.73 23.92
C PRO A 311 8.75 4.55 22.95
N GLU A 312 8.88 4.83 21.64
CA GLU A 312 9.17 3.78 20.67
CA GLU A 312 9.16 3.77 20.68
C GLU A 312 10.45 3.04 21.05
N ALA A 313 11.53 3.80 21.22
CA ALA A 313 12.80 3.23 21.63
C ALA A 313 12.61 2.42 22.89
N LEU A 314 12.02 3.04 23.92
CA LEU A 314 11.84 2.40 25.23
C LEU A 314 11.00 1.14 25.12
N ILE A 315 10.02 1.15 24.24
CA ILE A 315 9.15 0.00 24.07
C ILE A 315 9.95 -1.16 23.49
N ASN A 316 10.70 -0.91 22.41
CA ASN A 316 11.48 -1.96 21.75
C ASN A 316 12.56 -2.59 22.62
N ALA A 317 13.10 -1.82 23.56
CA ALA A 317 14.20 -2.30 24.40
C ALA A 317 13.71 -3.02 25.66
N GLY A 318 12.45 -2.82 26.01
CA GLY A 318 11.98 -3.23 27.32
C GLY A 318 11.82 -4.73 27.53
N ASP A 319 12.03 -5.16 28.77
CA ASP A 319 11.72 -6.51 29.18
C ASP A 319 10.38 -6.43 29.90
N PHE A 320 9.31 -6.98 29.32
CA PHE A 320 7.99 -6.79 29.92
C PHE A 320 7.37 -8.06 30.51
N HIS A 321 8.17 -9.10 30.72
CA HIS A 321 7.73 -10.23 31.54
C HIS A 321 7.21 -9.74 32.90
N GLY A 322 6.10 -10.27 33.35
CA GLY A 322 5.54 -9.91 34.64
C GLY A 322 4.50 -8.81 34.55
N LEU A 323 4.30 -8.28 33.35
CA LEU A 323 3.32 -7.25 33.09
C LEU A 323 2.09 -7.83 32.40
N GLN A 324 0.92 -7.46 32.90
CA GLN A 324 -0.34 -7.68 32.20
C GLN A 324 -0.92 -6.33 31.82
N VAL A 325 -1.42 -6.25 30.59
CA VAL A 325 -1.92 -5.00 30.02
C VAL A 325 -3.23 -5.28 29.31
N LEU A 326 -4.18 -4.36 29.45
CA LEU A 326 -5.41 -4.42 28.70
C LEU A 326 -5.41 -3.22 27.77
N VAL A 327 -5.55 -3.46 26.45
CA VAL A 327 -5.57 -2.32 25.51
C VAL A 327 -6.71 -2.43 24.53
N GLY A 328 -7.10 -1.30 23.94
CA GLY A 328 -8.12 -1.39 22.93
C GLY A 328 -8.53 -0.07 22.36
N VAL A 329 -9.53 -0.14 21.47
CA VAL A 329 -9.91 1.01 20.67
C VAL A 329 -11.40 0.95 20.41
N VAL A 330 -11.97 2.08 20.03
CA VAL A 330 -13.33 2.08 19.52
C VAL A 330 -13.35 1.82 18.00
N LYS A 331 -14.52 1.45 17.50
CA LYS A 331 -14.69 1.03 16.13
C LYS A 331 -14.32 2.14 15.16
N ASP A 332 -14.55 3.39 15.55
CA ASP A 332 -14.27 4.52 14.67
C ASP A 332 -13.48 5.64 15.32
N GLU A 333 -12.18 5.41 15.58
CA GLU A 333 -11.34 6.36 16.29
C GLU A 333 -11.22 7.73 15.63
N GLY A 334 -11.28 7.77 14.29
CA GLY A 334 -10.98 9.01 13.59
C GLY A 334 -12.11 10.01 13.48
N SER A 335 -13.35 9.53 13.55
CA SER A 335 -14.49 10.32 13.09
C SER A 335 -14.69 11.63 13.87
N TYR A 336 -14.74 11.56 15.21
CA TYR A 336 -14.92 12.76 16.04
C TYR A 336 -13.93 13.91 15.72
N PHE A 337 -12.67 13.57 15.49
CA PHE A 337 -11.66 14.60 15.25
C PHE A 337 -11.85 15.39 13.95
N LEU A 338 -12.58 14.83 12.99
CA LEU A 338 -12.64 15.46 11.67
C LEU A 338 -13.43 16.78 11.66
N VAL A 339 -14.38 16.93 12.60
CA VAL A 339 -15.13 18.18 12.65
C VAL A 339 -14.35 19.35 13.29
N TYR A 340 -13.11 19.11 13.69
CA TYR A 340 -12.28 20.18 14.26
C TYR A 340 -11.20 20.65 13.31
N GLY A 341 -11.46 20.60 12.00
CA GLY A 341 -10.52 21.19 11.06
C GLY A 341 -10.39 20.54 9.69
N ALA A 342 -10.92 19.34 9.53
CA ALA A 342 -10.96 18.71 8.22
C ALA A 342 -11.97 19.47 7.37
N PRO A 343 -11.51 19.96 6.20
CA PRO A 343 -12.39 20.70 5.29
C PRO A 343 -13.57 19.84 4.82
N GLY A 344 -14.78 20.40 4.91
CA GLY A 344 -15.96 19.69 4.46
C GLY A 344 -16.76 19.00 5.56
N PHE A 345 -16.20 18.91 6.76
CA PHE A 345 -16.86 18.14 7.82
C PHE A 345 -17.72 18.96 8.76
N SER A 346 -18.86 18.40 9.16
CA SER A 346 -19.69 18.98 10.20
C SER A 346 -20.49 17.88 10.86
N LYS A 347 -20.82 18.06 12.14
CA LYS A 347 -21.68 17.08 12.80
C LYS A 347 -23.12 17.26 12.28
N ASP A 348 -23.37 18.41 11.65
CA ASP A 348 -24.74 18.74 11.24
C ASP A 348 -25.07 18.43 9.78
N ASN A 349 -24.15 17.77 9.08
CA ASN A 349 -24.55 17.13 7.82
C ASN A 349 -23.81 15.80 7.61
N GLU A 350 -23.94 15.24 6.41
CA GLU A 350 -23.42 13.91 6.15
C GLU A 350 -21.91 13.89 5.89
N SER A 351 -21.33 15.07 5.74
CA SER A 351 -19.90 15.22 5.53
C SER A 351 -19.43 14.39 4.30
N LEU A 352 -20.21 14.42 3.23
CA LEU A 352 -19.85 13.73 2.00
C LEU A 352 -18.85 14.58 1.24
N ILE A 353 -17.57 14.37 1.49
CA ILE A 353 -16.56 15.25 0.97
C ILE A 353 -16.14 14.90 -0.47
N SER A 354 -15.50 15.87 -1.11
CA SER A 354 -14.97 15.68 -2.45
C SER A 354 -13.53 15.19 -2.35
N ARG A 355 -12.98 14.72 -3.48
CA ARG A 355 -11.64 14.18 -3.43
C ARG A 355 -10.64 15.29 -3.11
N ALA A 356 -10.85 16.48 -3.66
CA ALA A 356 -10.02 17.62 -3.29
C ALA A 356 -10.06 17.84 -1.76
N GLU A 357 -11.25 17.72 -1.16
CA GLU A 357 -11.36 17.89 0.29
C GLU A 357 -10.62 16.76 1.02
N PHE A 358 -10.79 15.53 0.52
CA PHE A 358 -10.07 14.39 1.07
C PHE A 358 -8.57 14.65 1.09
N LEU A 359 -8.01 15.08 -0.03
CA LEU A 359 -6.56 15.28 -0.13
C LEU A 359 -6.12 16.40 0.82
N ALA A 360 -6.94 17.43 0.93
CA ALA A 360 -6.64 18.52 1.83
C ALA A 360 -6.67 17.99 3.26
N GLY A 361 -7.71 17.21 3.56
CA GLY A 361 -7.87 16.58 4.87
C GLY A 361 -6.70 15.71 5.29
N VAL A 362 -6.13 14.97 4.33
CA VAL A 362 -4.98 14.14 4.64
C VAL A 362 -3.80 14.98 5.21
N ARG A 363 -3.54 16.15 4.65
CA ARG A 363 -2.44 16.99 5.16
C ARG A 363 -2.77 17.56 6.55
N VAL A 364 -4.04 17.67 6.87
CA VAL A 364 -4.47 18.16 8.20
C VAL A 364 -4.44 17.02 9.22
N GLY A 365 -4.84 15.83 8.80
CA GLY A 365 -4.93 14.69 9.69
C GLY A 365 -3.60 13.98 9.89
N VAL A 366 -2.66 14.22 8.99
CA VAL A 366 -1.31 13.68 9.13
C VAL A 366 -0.31 14.82 8.98
N PRO A 367 -0.22 15.69 10.00
CA PRO A 367 0.55 16.93 9.89
C PRO A 367 2.07 16.75 9.96
N GLN A 368 2.77 17.69 9.34
CA GLN A 368 4.23 17.78 9.40
C GLN A 368 4.96 16.56 8.81
N VAL A 369 4.41 15.97 7.75
CA VAL A 369 5.16 14.98 6.99
C VAL A 369 5.38 15.47 5.56
N SER A 370 6.37 14.88 4.90
CA SER A 370 6.72 15.27 3.52
C SER A 370 5.60 14.99 2.54
N ASP A 371 5.69 15.65 1.37
CA ASP A 371 4.72 15.42 0.31
C ASP A 371 4.73 13.96 -0.10
N LEU A 372 5.94 13.38 -0.12
CA LEU A 372 6.09 11.98 -0.45
C LEU A 372 5.31 11.11 0.55
N ALA A 373 5.47 11.40 1.84
CA ALA A 373 4.73 10.71 2.91
C ALA A 373 3.22 10.81 2.68
N ALA A 374 2.75 12.02 2.40
CA ALA A 374 1.31 12.22 2.21
C ALA A 374 0.81 11.44 1.00
N GLU A 375 1.56 11.51 -0.10
CA GLU A 375 1.25 10.74 -1.29
C GLU A 375 1.07 9.28 -0.99
N ALA A 376 2.01 8.71 -0.25
CA ALA A 376 1.89 7.33 0.18
C ALA A 376 0.60 7.09 1.01
N VAL A 377 0.21 8.04 1.85
CA VAL A 377 -1.04 7.88 2.60
C VAL A 377 -2.21 7.83 1.62
N VAL A 378 -2.22 8.79 0.70
CA VAL A 378 -3.26 8.86 -0.31
C VAL A 378 -3.35 7.60 -1.18
N LEU A 379 -2.20 7.00 -1.47
CA LEU A 379 -2.17 5.74 -2.22
C LEU A 379 -2.86 4.65 -1.45
N HIS A 380 -2.43 4.44 -0.21
N HIS A 380 -2.45 4.43 -0.21
CA HIS A 380 -2.92 3.33 0.59
CA HIS A 380 -2.94 3.29 0.55
C HIS A 380 -4.43 3.44 0.79
C HIS A 380 -4.40 3.44 0.95
N TYR A 381 -4.92 4.66 0.98
CA TYR A 381 -6.30 4.88 1.44
C TYR A 381 -7.28 5.24 0.35
N THR A 382 -6.80 5.30 -0.89
CA THR A 382 -7.72 5.49 -2.01
C THR A 382 -8.17 4.13 -2.51
N ASP A 383 -9.47 3.98 -2.76
CA ASP A 383 -9.96 2.85 -3.54
C ASP A 383 -9.90 3.26 -5.02
N TRP A 384 -9.02 2.64 -5.78
CA TRP A 384 -8.76 3.15 -7.13
C TRP A 384 -9.80 2.69 -8.15
N LEU A 385 -10.72 1.82 -7.74
CA LEU A 385 -11.94 1.60 -8.52
C LEU A 385 -13.04 2.65 -8.24
N HIS A 386 -12.88 3.43 -7.15
CA HIS A 386 -13.86 4.44 -6.74
C HIS A 386 -13.18 5.66 -6.12
N PRO A 387 -12.25 6.29 -6.84
CA PRO A 387 -11.38 7.32 -6.25
C PRO A 387 -12.09 8.57 -5.74
N GLU A 388 -13.34 8.78 -6.17
CA GLU A 388 -14.00 10.08 -5.93
C GLU A 388 -15.36 10.01 -5.22
N ASP A 389 -15.76 8.81 -4.80
CA ASP A 389 -17.01 8.59 -4.12
C ASP A 389 -17.02 9.21 -2.71
N PRO A 390 -17.89 10.20 -2.50
CA PRO A 390 -17.95 10.96 -1.23
C PRO A 390 -18.03 10.12 0.04
N ALA A 391 -18.98 9.19 0.14
CA ALA A 391 -19.08 8.34 1.33
C ALA A 391 -17.78 7.57 1.64
N ARG A 392 -17.17 6.98 0.61
CA ARG A 392 -15.94 6.24 0.79
C ARG A 392 -14.78 7.14 1.20
N LEU A 393 -14.77 8.38 0.70
CA LEU A 393 -13.73 9.34 1.07
C LEU A 393 -13.87 9.77 2.56
N ARG A 394 -15.12 9.98 2.99
CA ARG A 394 -15.41 10.33 4.37
C ARG A 394 -14.88 9.21 5.27
N GLU A 395 -15.29 7.98 4.99
CA GLU A 395 -14.81 6.80 5.71
C GLU A 395 -13.29 6.65 5.68
N ALA A 396 -12.68 6.90 4.51
CA ALA A 396 -11.26 6.69 4.37
C ALA A 396 -10.47 7.70 5.20
N LEU A 397 -10.89 8.96 5.16
CA LEU A 397 -10.18 9.97 5.94
C LEU A 397 -10.36 9.72 7.47
N SER A 398 -11.48 9.13 7.85
CA SER A 398 -11.69 8.75 9.23
C SER A 398 -10.66 7.68 9.60
N ASP A 399 -10.50 6.71 8.70
CA ASP A 399 -9.49 5.68 8.86
C ASP A 399 -8.09 6.26 8.93
N VAL A 400 -7.77 7.19 8.06
CA VAL A 400 -6.43 7.77 8.09
C VAL A 400 -6.15 8.35 9.46
N VAL A 401 -7.04 9.22 9.90
CA VAL A 401 -6.86 9.94 11.15
C VAL A 401 -6.82 8.99 12.35
N GLY A 402 -7.78 8.07 12.41
CA GLY A 402 -7.83 7.09 13.48
C GLY A 402 -6.70 6.06 13.50
N ASP A 403 -6.20 5.68 12.32
CA ASP A 403 -5.16 4.66 12.24
C ASP A 403 -3.85 5.26 12.69
N HIS A 404 -3.57 6.43 12.11
CA HIS A 404 -2.32 7.14 12.37
C HIS A 404 -2.18 7.51 13.85
N ASN A 405 -3.25 8.01 14.44
CA ASN A 405 -3.16 8.61 15.76
C ASN A 405 -3.45 7.64 16.91
N VAL A 406 -4.30 6.65 16.68
CA VAL A 406 -4.72 5.77 17.77
C VAL A 406 -4.48 4.30 17.50
N VAL A 407 -5.11 3.76 16.45
CA VAL A 407 -5.14 2.31 16.26
C VAL A 407 -3.76 1.71 16.07
N CYS A 408 -2.98 2.25 15.13
CA CYS A 408 -1.70 1.63 14.87
C CYS A 408 -0.69 1.87 15.98
N PRO A 409 -0.73 3.05 16.63
CA PRO A 409 0.19 3.14 17.78
C PRO A 409 -0.18 2.12 18.88
N VAL A 410 -1.48 1.89 19.10
CA VAL A 410 -1.91 0.91 20.10
C VAL A 410 -1.53 -0.51 19.64
N ALA A 411 -1.75 -0.82 18.37
CA ALA A 411 -1.31 -2.09 17.79
C ALA A 411 0.20 -2.32 17.94
N GLN A 412 0.98 -1.28 17.71
CA GLN A 412 2.41 -1.43 17.86
C GLN A 412 2.84 -1.68 19.30
N LEU A 413 2.26 -0.91 20.23
CA LEU A 413 2.49 -1.14 21.65
C LEU A 413 2.11 -2.58 22.05
N ALA A 414 0.93 -3.02 21.63
CA ALA A 414 0.43 -4.36 21.95
C ALA A 414 1.38 -5.45 21.46
N GLY A 415 1.79 -5.34 20.20
CA GLY A 415 2.67 -6.32 19.58
C GLY A 415 4.02 -6.40 20.22
N ARG A 416 4.63 -5.25 20.45
CA ARG A 416 5.95 -5.23 21.06
C ARG A 416 5.93 -5.73 22.51
N LEU A 417 4.92 -5.33 23.28
CA LEU A 417 4.82 -5.79 24.67
C LEU A 417 4.61 -7.30 24.74
N ALA A 418 3.71 -7.83 23.91
CA ALA A 418 3.43 -9.27 23.92
C ALA A 418 4.69 -10.07 23.57
N ALA A 419 5.39 -9.62 22.52
CA ALA A 419 6.58 -10.32 22.04
C ALA A 419 7.73 -10.20 23.01
N GLN A 420 7.65 -9.26 23.95
CA GLN A 420 8.72 -9.06 24.91
C GLN A 420 8.29 -9.38 26.34
N GLY A 421 7.27 -10.24 26.44
CA GLY A 421 7.00 -10.94 27.68
C GLY A 421 5.79 -10.50 28.46
N ALA A 422 5.06 -9.50 27.97
CA ALA A 422 3.85 -9.07 28.65
C ALA A 422 2.69 -9.96 28.23
N ARG A 423 1.69 -10.11 29.11
CA ARG A 423 0.43 -10.71 28.71
C ARG A 423 -0.55 -9.58 28.39
N VAL A 424 -1.02 -9.56 27.15
CA VAL A 424 -1.75 -8.45 26.60
C VAL A 424 -3.14 -8.92 26.25
N TYR A 425 -4.16 -8.17 26.65
CA TYR A 425 -5.53 -8.40 26.16
C TYR A 425 -5.97 -7.21 25.31
N ALA A 426 -6.55 -7.49 24.14
CA ALA A 426 -6.96 -6.42 23.23
C ALA A 426 -8.45 -6.50 22.92
N TYR A 427 -9.08 -5.34 22.72
CA TYR A 427 -10.48 -5.27 22.37
C TYR A 427 -10.74 -4.19 21.33
N VAL A 428 -11.84 -4.33 20.61
CA VAL A 428 -12.43 -3.25 19.85
C VAL A 428 -13.84 -3.00 20.34
N PHE A 429 -14.14 -1.76 20.71
CA PHE A 429 -15.45 -1.43 21.28
C PHE A 429 -16.38 -1.00 20.15
N GLU A 430 -17.43 -1.77 19.95
CA GLU A 430 -18.22 -1.64 18.73
C GLU A 430 -19.69 -1.35 18.99
N HIS A 431 -20.04 -0.95 20.22
CA HIS A 431 -21.42 -0.58 20.48
C HIS A 431 -21.67 0.91 20.41
N ARG A 432 -22.63 1.32 19.61
CA ARG A 432 -23.00 2.74 19.52
C ARG A 432 -24.09 3.01 20.55
N ALA A 433 -23.83 3.94 21.45
CA ALA A 433 -24.76 4.19 22.56
C ALA A 433 -26.10 4.68 22.02
N SER A 434 -27.19 4.03 22.44
CA SER A 434 -28.54 4.48 22.08
C SER A 434 -28.75 5.98 22.36
N THR A 435 -27.99 6.51 23.30
CA THR A 435 -28.11 7.92 23.70
C THR A 435 -27.14 8.86 22.99
N LEU A 436 -26.31 8.30 22.10
CA LEU A 436 -25.27 9.11 21.47
C LEU A 436 -25.85 10.29 20.71
N SER A 437 -25.29 11.47 20.97
CA SER A 437 -25.78 12.70 20.36
C SER A 437 -25.01 13.12 19.11
N TRP A 438 -23.87 12.49 18.83
CA TRP A 438 -23.16 12.73 17.55
C TRP A 438 -23.85 11.99 16.41
N PRO A 439 -23.71 12.49 15.17
CA PRO A 439 -24.47 11.91 14.06
C PRO A 439 -24.10 10.46 13.77
N LEU A 440 -25.02 9.76 13.11
CA LEU A 440 -24.85 8.36 12.80
C LEU A 440 -23.59 8.10 11.94
N TRP A 441 -23.20 9.05 11.09
CA TRP A 441 -22.06 8.81 10.21
C TRP A 441 -20.76 8.67 11.01
N MET A 442 -20.77 9.16 12.25
CA MET A 442 -19.56 9.07 13.06
C MET A 442 -19.32 7.67 13.67
N GLY A 443 -20.32 6.79 13.61
CA GLY A 443 -20.18 5.44 14.10
C GLY A 443 -20.03 5.37 15.63
N VAL A 444 -19.05 4.60 16.10
CA VAL A 444 -18.67 4.60 17.51
C VAL A 444 -17.43 5.48 17.70
N PRO A 445 -17.61 6.75 18.10
CA PRO A 445 -16.48 7.68 18.12
C PRO A 445 -15.59 7.55 19.37
N HIS A 446 -14.39 8.07 19.20
CA HIS A 446 -13.43 8.26 20.27
C HIS A 446 -14.09 8.73 21.57
N GLY A 447 -13.79 8.07 22.68
CA GLY A 447 -14.31 8.48 23.98
C GLY A 447 -15.56 7.77 24.47
N TYR A 448 -16.31 7.15 23.58
CA TYR A 448 -17.66 6.70 23.92
C TYR A 448 -17.78 5.25 24.39
N GLU A 449 -16.65 4.66 24.78
CA GLU A 449 -16.66 3.43 25.55
C GLU A 449 -16.59 3.73 27.06
N ILE A 450 -16.10 4.91 27.41
CA ILE A 450 -15.80 5.26 28.79
C ILE A 450 -17.06 5.15 29.67
N GLU A 451 -18.16 5.73 29.22
CA GLU A 451 -19.42 5.70 29.98
C GLU A 451 -19.89 4.27 30.27
N PHE A 452 -19.55 3.33 29.39
CA PHE A 452 -19.89 1.94 29.65
C PHE A 452 -18.94 1.28 30.66
N ILE A 453 -17.67 1.68 30.65
CA ILE A 453 -16.70 1.13 31.57
C ILE A 453 -17.02 1.61 33.02
N PHE A 454 -17.49 2.84 33.15
CA PHE A 454 -17.82 3.43 34.46
C PHE A 454 -19.25 3.15 34.90
N GLY A 455 -19.98 2.38 34.09
CA GLY A 455 -21.31 1.93 34.47
C GLY A 455 -22.35 3.04 34.51
N ILE A 456 -22.08 4.15 33.81
CA ILE A 456 -23.02 5.26 33.73
C ILE A 456 -24.44 4.81 33.29
N PRO A 457 -24.54 3.82 32.37
CA PRO A 457 -25.91 3.38 32.07
C PRO A 457 -26.77 2.88 33.24
N LEU A 458 -26.18 2.60 34.40
CA LEU A 458 -26.97 2.14 35.56
C LEU A 458 -27.69 3.30 36.24
N ASP A 459 -27.24 4.52 35.96
CA ASP A 459 -27.88 5.73 36.46
C ASP A 459 -29.30 5.79 35.91
N PRO A 460 -30.30 5.64 36.81
CA PRO A 460 -31.70 5.54 36.36
C PRO A 460 -32.21 6.86 35.76
N SER A 461 -31.59 7.98 36.10
CA SER A 461 -31.99 9.26 35.50
C SER A 461 -31.47 9.44 34.08
N ARG A 462 -30.89 8.40 33.50
CA ARG A 462 -30.44 8.45 32.13
C ARG A 462 -31.22 7.40 31.33
N ASN A 463 -31.09 7.44 30.01
CA ASN A 463 -32.08 6.80 29.15
C ASN A 463 -31.58 5.55 28.45
N TYR A 464 -30.58 4.90 29.02
CA TYR A 464 -30.03 3.70 28.41
C TYR A 464 -31.02 2.53 28.44
N THR A 465 -30.86 1.60 27.51
CA THR A 465 -31.72 0.43 27.45
C THR A 465 -31.34 -0.61 28.48
N ALA A 466 -32.27 -1.53 28.75
CA ALA A 466 -31.98 -2.64 29.64
C ALA A 466 -30.77 -3.46 29.15
N GLU A 467 -30.70 -3.72 27.84
CA GLU A 467 -29.56 -4.47 27.30
C GLU A 467 -28.26 -3.67 27.49
N GLU A 468 -28.33 -2.35 27.35
CA GLU A 468 -27.15 -1.53 27.59
C GLU A 468 -26.65 -1.57 29.05
N LYS A 469 -27.56 -1.72 30.02
CA LYS A 469 -27.16 -1.86 31.43
C LYS A 469 -26.47 -3.19 31.68
N ILE A 470 -26.98 -4.26 31.09
CA ILE A 470 -26.33 -5.55 31.19
C ILE A 470 -24.92 -5.51 30.53
N PHE A 471 -24.79 -4.77 29.45
CA PHE A 471 -23.50 -4.62 28.75
C PHE A 471 -22.50 -3.85 29.63
N ALA A 472 -22.96 -2.75 30.21
CA ALA A 472 -22.15 -2.00 31.16
C ALA A 472 -21.62 -2.92 32.28
N GLN A 473 -22.45 -3.86 32.73
CA GLN A 473 -22.10 -4.70 33.86
C GLN A 473 -21.04 -5.71 33.46
N ARG A 474 -21.22 -6.31 32.28
CA ARG A 474 -20.17 -7.13 31.66
C ARG A 474 -18.82 -6.43 31.60
N LEU A 475 -18.81 -5.19 31.14
CA LEU A 475 -17.56 -4.44 30.94
C LEU A 475 -16.89 -4.11 32.28
N MET A 476 -17.70 -3.71 33.25
CA MET A 476 -17.19 -3.42 34.59
C MET A 476 -16.55 -4.68 35.17
N ARG A 477 -17.18 -5.83 34.95
CA ARG A 477 -16.63 -7.13 35.39
C ARG A 477 -15.29 -7.45 34.69
N TYR A 478 -15.24 -7.33 33.36
CA TYR A 478 -13.95 -7.54 32.64
C TYR A 478 -12.86 -6.66 33.25
N TRP A 479 -13.15 -5.36 33.41
CA TRP A 479 -12.13 -4.40 33.85
C TRP A 479 -11.67 -4.70 35.27
N ALA A 480 -12.63 -5.07 36.13
CA ALA A 480 -12.33 -5.38 37.51
C ALA A 480 -11.66 -6.73 37.63
N ASN A 481 -12.10 -7.71 36.82
CA ASN A 481 -11.39 -9.00 36.77
C ASN A 481 -9.94 -8.76 36.45
N PHE A 482 -9.69 -7.89 35.45
CA PHE A 482 -8.32 -7.64 35.03
C PHE A 482 -7.54 -6.99 36.18
N ALA A 483 -8.18 -6.06 36.88
CA ALA A 483 -7.51 -5.40 37.99
C ALA A 483 -7.17 -6.37 39.14
N ARG A 484 -8.06 -7.33 39.40
CA ARG A 484 -7.85 -8.28 40.48
C ARG A 484 -6.81 -9.34 40.15
N THR A 485 -6.76 -9.78 38.88
CA THR A 485 -5.98 -10.97 38.51
C THR A 485 -5.07 -10.85 37.30
N GLY A 486 -5.13 -9.74 36.58
CA GLY A 486 -4.39 -9.62 35.34
C GLY A 486 -5.05 -10.38 34.19
N ASP A 487 -6.32 -10.71 34.37
CA ASP A 487 -7.02 -11.52 33.40
C ASP A 487 -8.50 -11.11 33.39
N PRO A 488 -9.02 -10.62 32.26
CA PRO A 488 -10.41 -10.15 32.30
C PRO A 488 -11.43 -11.28 32.32
N ASN A 489 -11.01 -12.48 31.94
CA ASN A 489 -11.91 -13.61 31.82
C ASN A 489 -12.57 -13.98 33.13
N GLU A 490 -13.85 -14.31 33.04
CA GLU A 490 -14.58 -14.72 34.23
C GLU A 490 -13.92 -15.93 34.87
N PRO A 491 -13.19 -15.68 35.99
CA PRO A 491 -12.34 -16.70 36.63
C PRO A 491 -13.26 -17.83 37.03
N ARG A 492 -12.92 -19.05 36.58
CA ARG A 492 -13.87 -20.15 36.48
C ARG A 492 -15.25 -19.66 35.98
N ASP A 493 -15.41 -19.66 34.66
CA ASP A 493 -16.74 -19.63 34.05
C ASP A 493 -16.63 -20.33 32.71
N PRO A 494 -16.81 -21.66 32.72
CA PRO A 494 -16.63 -22.57 31.59
C PRO A 494 -17.29 -22.12 30.28
N LYS A 495 -18.62 -22.13 30.19
CA LYS A 495 -19.29 -22.09 28.89
C LYS A 495 -19.34 -20.69 28.27
N ALA A 496 -18.94 -19.66 29.03
CA ALA A 496 -18.78 -18.31 28.49
C ALA A 496 -17.53 -18.23 27.58
N PRO A 497 -17.69 -17.63 26.38
CA PRO A 497 -16.60 -17.61 25.38
C PRO A 497 -15.40 -16.79 25.86
N GLN A 498 -14.19 -17.35 25.72
CA GLN A 498 -13.04 -16.79 26.40
C GLN A 498 -12.31 -15.71 25.58
N TRP A 499 -11.77 -14.75 26.31
CA TRP A 499 -10.97 -13.67 25.77
C TRP A 499 -9.51 -14.09 25.79
N PRO A 500 -8.97 -14.43 24.61
CA PRO A 500 -7.58 -14.87 24.54
C PRO A 500 -6.59 -13.70 24.55
N PRO A 501 -5.39 -13.95 25.04
CA PRO A 501 -4.31 -12.95 24.99
C PRO A 501 -3.95 -12.54 23.55
N TYR A 502 -3.55 -11.29 23.38
CA TYR A 502 -3.07 -10.80 22.10
C TYR A 502 -1.61 -11.16 21.94
N THR A 503 -1.25 -11.71 20.77
CA THR A 503 0.15 -12.03 20.49
C THR A 503 0.60 -11.43 19.15
N ALA A 504 1.90 -11.21 18.97
CA ALA A 504 2.44 -10.66 17.71
C ALA A 504 2.03 -11.45 16.45
N GLY A 505 1.95 -12.77 16.58
CA GLY A 505 1.56 -13.61 15.45
C GLY A 505 0.05 -13.71 15.23
N ALA A 506 -0.66 -14.27 16.20
CA ALA A 506 -2.08 -14.51 16.01
C ALA A 506 -2.88 -13.22 16.05
N GLN A 507 -2.38 -12.21 16.76
CA GLN A 507 -3.02 -10.88 16.83
C GLN A 507 -4.52 -10.93 17.21
N GLN A 508 -4.88 -11.80 18.15
CA GLN A 508 -6.29 -11.97 18.49
C GLN A 508 -6.79 -10.89 19.44
N TYR A 509 -8.01 -10.43 19.19
CA TYR A 509 -8.67 -9.47 20.06
C TYR A 509 -10.14 -9.84 20.09
N VAL A 510 -10.92 -9.25 21.01
CA VAL A 510 -12.35 -9.48 20.99
C VAL A 510 -13.12 -8.21 20.67
N SER A 511 -14.33 -8.38 20.18
CA SER A 511 -15.22 -7.25 19.98
C SER A 511 -16.10 -7.12 21.21
N LEU A 512 -16.25 -5.90 21.70
CA LEU A 512 -17.15 -5.64 22.81
C LEU A 512 -18.41 -4.98 22.29
N ASP A 513 -19.52 -5.69 22.31
CA ASP A 513 -20.83 -5.07 22.02
C ASP A 513 -21.94 -5.88 22.69
N LEU A 514 -23.19 -5.67 22.29
CA LEU A 514 -24.31 -6.35 22.96
C LEU A 514 -24.26 -7.86 22.75
N ARG A 515 -23.58 -8.28 21.70
CA ARG A 515 -23.42 -9.71 21.40
C ARG A 515 -22.36 -10.29 22.30
N PRO A 516 -22.39 -11.61 22.51
CA PRO A 516 -21.31 -12.26 23.26
C PRO A 516 -19.96 -12.02 22.59
N LEU A 517 -18.87 -12.16 23.36
CA LEU A 517 -17.53 -11.93 22.84
C LEU A 517 -17.27 -12.70 21.56
N GLU A 518 -16.70 -12.01 20.58
CA GLU A 518 -16.31 -12.64 19.32
C GLU A 518 -14.82 -12.41 19.09
N VAL A 519 -14.07 -13.47 18.87
CA VAL A 519 -12.64 -13.38 18.67
C VAL A 519 -12.30 -13.08 17.20
N ARG A 520 -11.45 -12.09 16.96
CA ARG A 520 -11.01 -11.74 15.61
C ARG A 520 -9.50 -11.57 15.59
N ARG A 521 -8.94 -11.46 14.38
CA ARG A 521 -7.49 -11.34 14.19
C ARG A 521 -7.11 -10.01 13.56
N GLY A 522 -6.09 -9.35 14.12
CA GLY A 522 -5.50 -8.18 13.53
C GLY A 522 -6.15 -6.83 13.78
N LEU A 523 -5.43 -5.96 14.47
CA LEU A 523 -5.90 -4.59 14.67
C LEU A 523 -5.55 -3.76 13.44
N ARG A 524 -6.39 -3.84 12.42
CA ARG A 524 -6.10 -3.21 11.14
C ARG A 524 -4.67 -3.48 10.67
N ALA A 525 -4.33 -4.76 10.62
CA ALA A 525 -2.95 -5.18 10.37
C ALA A 525 -2.38 -4.65 9.03
N GLN A 526 -3.17 -4.68 7.96
CA GLN A 526 -2.68 -4.20 6.67
C GLN A 526 -2.40 -2.72 6.72
N ALA A 527 -3.32 -1.96 7.29
CA ALA A 527 -3.16 -0.52 7.42
C ALA A 527 -2.00 -0.16 8.35
N CYS A 528 -1.87 -0.87 9.46
CA CYS A 528 -0.87 -0.50 10.46
C CYS A 528 0.54 -0.93 10.04
N ALA A 529 0.61 -1.96 9.18
CA ALA A 529 1.90 -2.27 8.52
C ALA A 529 2.43 -1.03 7.85
N PHE A 530 1.54 -0.29 7.19
CA PHE A 530 1.95 0.94 6.53
C PHE A 530 2.50 1.96 7.53
N TRP A 531 1.71 2.27 8.58
CA TRP A 531 2.13 3.29 9.56
C TRP A 531 3.31 2.83 10.42
N ASN A 532 3.36 1.54 10.74
CA ASN A 532 4.34 1.10 11.71
C ASN A 532 5.63 0.57 11.08
N ARG A 533 5.56 0.07 9.84
CA ARG A 533 6.72 -0.57 9.22
C ARG A 533 7.30 0.21 8.06
N PHE A 534 6.47 0.60 7.10
CA PHE A 534 6.98 1.35 5.96
C PHE A 534 7.25 2.84 6.22
N LEU A 535 6.24 3.58 6.66
CA LEU A 535 6.35 5.03 6.74
C LEU A 535 7.56 5.58 7.54
N PRO A 536 7.97 4.91 8.65
CA PRO A 536 9.21 5.39 9.29
C PRO A 536 10.44 5.30 8.38
N LYS A 537 10.58 4.21 7.62
CA LYS A 537 11.68 4.04 6.67
C LYS A 537 11.75 5.17 5.66
N LEU A 538 10.58 5.61 5.22
CA LEU A 538 10.43 6.67 4.23
C LEU A 538 10.96 8.00 4.74
N LEU A 539 10.45 8.42 5.89
CA LEU A 539 10.87 9.67 6.53
C LEU A 539 12.38 9.69 6.88
N SER A 540 12.95 8.51 7.14
CA SER A 540 14.38 8.41 7.47
C SER A 540 15.30 8.58 6.26
N ALA A 541 14.89 8.04 5.12
CA ALA A 541 15.73 8.04 3.91
C ALA A 541 15.00 8.70 2.74
N ARG B 2 2.21 -27.41 -65.59
CA ARG B 2 3.50 -26.77 -65.38
C ARG B 2 3.57 -25.91 -64.11
N GLU B 3 2.75 -24.85 -64.04
CA GLU B 3 2.84 -23.87 -62.96
C GLU B 3 1.45 -23.37 -62.48
N ASP B 4 1.31 -23.12 -61.17
CA ASP B 4 0.05 -22.64 -60.57
C ASP B 4 0.08 -21.12 -60.36
N ALA B 5 -0.74 -20.40 -61.13
CA ALA B 5 -0.77 -18.94 -61.10
C ALA B 5 -1.04 -18.33 -59.71
N GLU B 6 -1.79 -19.05 -58.88
CA GLU B 6 -2.09 -18.57 -57.53
C GLU B 6 -0.83 -18.46 -56.68
N LEU B 7 0.15 -19.33 -56.96
CA LEU B 7 1.39 -19.39 -56.20
C LEU B 7 2.46 -18.50 -56.76
N LEU B 8 2.07 -17.60 -57.66
CA LEU B 8 3.01 -16.71 -58.34
C LEU B 8 2.59 -15.26 -58.16
N VAL B 9 3.55 -14.44 -57.75
CA VAL B 9 3.26 -13.06 -57.39
C VAL B 9 4.46 -12.24 -57.72
N THR B 10 4.25 -11.02 -58.18
CA THR B 10 5.36 -10.11 -58.40
C THR B 10 5.31 -8.97 -57.41
N VAL B 11 6.44 -8.68 -56.79
CA VAL B 11 6.55 -7.58 -55.85
C VAL B 11 7.60 -6.64 -56.39
N ARG B 12 7.76 -5.45 -55.81
CA ARG B 12 8.69 -4.47 -56.40
C ARG B 12 10.10 -5.00 -56.69
N GLY B 13 10.53 -6.03 -55.97
CA GLY B 13 11.89 -6.53 -56.12
C GLY B 13 12.03 -7.59 -57.20
N GLY B 14 10.91 -8.15 -57.64
CA GLY B 14 10.97 -9.25 -58.57
C GLY B 14 9.93 -10.30 -58.26
N ARG B 15 10.11 -11.48 -58.85
CA ARG B 15 9.07 -12.51 -58.80
C ARG B 15 9.27 -13.54 -57.68
N LEU B 16 8.14 -14.03 -57.17
CA LEU B 16 8.10 -14.98 -56.08
C LEU B 16 7.27 -16.18 -56.46
N ARG B 17 7.71 -17.34 -55.96
CA ARG B 17 6.92 -18.56 -55.99
C ARG B 17 6.61 -19.01 -54.56
N GLY B 18 5.34 -19.31 -54.29
CA GLY B 18 4.93 -19.73 -52.95
C GLY B 18 4.49 -21.17 -52.94
N ILE B 19 3.82 -21.56 -51.88
CA ILE B 19 3.42 -22.94 -51.68
C ILE B 19 1.92 -22.98 -51.27
N ARG B 20 1.22 -24.03 -51.64
CA ARG B 20 -0.17 -24.17 -51.22
C ARG B 20 -0.24 -25.07 -49.98
N LEU B 21 -0.74 -24.51 -48.89
CA LEU B 21 -0.86 -25.21 -47.60
C LEU B 21 -2.23 -25.80 -47.39
N LYS B 22 -2.25 -27.05 -46.94
CA LYS B 22 -3.48 -27.64 -46.46
C LYS B 22 -3.75 -27.13 -45.05
N THR B 23 -4.99 -26.73 -44.80
CA THR B 23 -5.49 -26.47 -43.46
C THR B 23 -6.78 -27.27 -43.30
N PRO B 24 -7.15 -27.61 -42.07
CA PRO B 24 -8.43 -28.26 -41.75
C PRO B 24 -9.64 -27.69 -42.48
N GLY B 25 -9.68 -26.38 -42.68
CA GLY B 25 -10.84 -25.78 -43.33
C GLY B 25 -10.70 -25.51 -44.82
N GLY B 26 -9.56 -25.87 -45.42
CA GLY B 26 -9.33 -25.55 -46.82
C GLY B 26 -7.92 -25.05 -47.13
N PRO B 27 -7.61 -24.78 -48.40
CA PRO B 27 -6.24 -24.38 -48.73
C PRO B 27 -5.93 -22.91 -48.47
N VAL B 28 -4.66 -22.64 -48.18
CA VAL B 28 -4.17 -21.28 -48.00
C VAL B 28 -2.91 -21.15 -48.88
N SER B 29 -2.61 -19.95 -49.39
CA SER B 29 -1.36 -19.71 -50.08
C SER B 29 -0.36 -19.11 -49.12
N ALA B 30 0.84 -19.69 -49.07
CA ALA B 30 1.90 -19.19 -48.20
C ALA B 30 3.15 -18.84 -48.99
N PHE B 31 3.63 -17.64 -48.77
CA PHE B 31 4.89 -17.20 -49.28
C PHE B 31 5.81 -17.00 -48.08
N LEU B 32 6.61 -18.01 -47.82
CA LEU B 32 7.43 -18.09 -46.62
C LEU B 32 8.87 -17.77 -46.94
N GLY B 33 9.52 -16.95 -46.13
CA GLY B 33 10.91 -16.63 -46.40
C GLY B 33 11.15 -15.68 -47.54
N ILE B 34 10.31 -14.66 -47.66
CA ILE B 34 10.58 -13.57 -48.59
C ILE B 34 11.65 -12.60 -48.07
N PRO B 35 12.72 -12.38 -48.85
CA PRO B 35 13.79 -11.46 -48.44
C PRO B 35 13.33 -10.01 -48.46
N PHE B 36 13.53 -9.26 -47.37
CA PHE B 36 13.07 -7.87 -47.38
C PHE B 36 14.21 -6.91 -47.12
N ALA B 37 15.34 -7.44 -46.66
CA ALA B 37 16.55 -6.65 -46.55
C ALA B 37 17.73 -7.38 -47.15
N GLU B 38 18.79 -6.64 -47.46
CA GLU B 38 20.08 -7.24 -47.74
C GLU B 38 20.55 -7.92 -46.47
N PRO B 39 21.21 -9.07 -46.59
CA PRO B 39 21.67 -9.74 -45.37
C PRO B 39 22.61 -8.86 -44.53
N PRO B 40 22.23 -8.64 -43.25
CA PRO B 40 23.04 -7.79 -42.36
C PRO B 40 24.33 -8.47 -41.90
N MET B 41 25.14 -8.86 -42.91
CA MET B 41 26.35 -9.66 -42.80
C MET B 41 27.61 -8.82 -42.72
N GLY B 42 28.63 -9.32 -42.01
CA GLY B 42 29.96 -8.74 -42.02
C GLY B 42 30.01 -7.25 -41.74
N PRO B 43 30.35 -6.44 -42.76
CA PRO B 43 30.35 -4.99 -42.57
C PRO B 43 28.98 -4.44 -42.18
N ARG B 44 27.90 -5.16 -42.52
CA ARG B 44 26.56 -4.65 -42.25
C ARG B 44 25.97 -5.05 -40.87
N ARG B 45 26.77 -5.75 -40.06
CA ARG B 45 26.39 -6.12 -38.71
C ARG B 45 26.28 -4.87 -37.82
N PHE B 46 25.21 -4.76 -37.03
CA PHE B 46 24.90 -3.60 -36.19
C PHE B 46 24.41 -2.39 -36.98
N LEU B 47 24.35 -2.48 -38.30
CA LEU B 47 23.91 -1.34 -39.11
C LEU B 47 22.43 -1.47 -39.39
N PRO B 48 21.76 -0.35 -39.70
CA PRO B 48 20.38 -0.36 -40.18
C PRO B 48 20.20 -1.29 -41.37
N PRO B 49 18.99 -1.84 -41.52
CA PRO B 49 18.73 -2.67 -42.70
C PRO B 49 18.74 -1.88 -44.01
N GLU B 50 19.43 -2.38 -45.04
CA GLU B 50 19.28 -1.80 -46.38
C GLU B 50 18.19 -2.59 -47.09
N PRO B 51 17.29 -1.91 -47.82
CA PRO B 51 16.26 -2.62 -48.57
C PRO B 51 16.84 -3.68 -49.53
N LYS B 52 16.12 -4.78 -49.69
CA LYS B 52 16.54 -5.86 -50.58
C LYS B 52 16.65 -5.37 -52.04
N GLN B 53 17.83 -5.54 -52.64
CA GLN B 53 18.00 -5.19 -54.06
C GLN B 53 17.17 -6.11 -54.96
N PRO B 54 16.60 -5.55 -56.03
CA PRO B 54 15.82 -6.32 -57.02
C PRO B 54 16.59 -7.51 -57.60
N TRP B 55 15.85 -8.54 -57.99
CA TRP B 55 16.42 -9.77 -58.50
C TRP B 55 15.70 -10.21 -59.77
N SER B 56 16.42 -10.89 -60.64
CA SER B 56 15.78 -11.46 -61.83
C SER B 56 15.47 -12.92 -61.54
N GLY B 57 14.57 -13.49 -62.31
CA GLY B 57 14.14 -14.86 -62.10
C GLY B 57 13.19 -14.91 -60.91
N VAL B 58 12.89 -16.12 -60.45
CA VAL B 58 11.89 -16.31 -59.42
C VAL B 58 12.51 -16.77 -58.10
N VAL B 59 12.25 -16.03 -57.02
CA VAL B 59 12.63 -16.48 -55.67
C VAL B 59 11.60 -17.45 -55.13
N ASP B 60 12.04 -18.63 -54.68
CA ASP B 60 11.15 -19.59 -54.05
C ASP B 60 10.91 -19.18 -52.58
N ALA B 61 9.71 -18.71 -52.30
CA ALA B 61 9.30 -18.39 -50.91
C ALA B 61 8.49 -19.57 -50.40
N THR B 62 9.17 -20.68 -50.10
CA THR B 62 8.45 -21.93 -49.94
C THR B 62 8.70 -22.61 -48.60
N THR B 63 9.53 -22.00 -47.77
CA THR B 63 9.76 -22.48 -46.41
C THR B 63 10.34 -21.35 -45.58
N PHE B 64 10.18 -21.41 -44.26
CA PHE B 64 10.75 -20.40 -43.38
C PHE B 64 12.26 -20.31 -43.51
N GLN B 65 12.79 -19.10 -43.48
CA GLN B 65 14.23 -18.94 -43.48
C GLN B 65 14.80 -19.01 -42.07
N SER B 66 16.11 -18.77 -41.98
CA SER B 66 16.86 -18.91 -40.74
C SER B 66 16.37 -18.00 -39.61
N VAL B 67 16.50 -18.48 -38.39
CA VAL B 67 16.31 -17.69 -37.18
C VAL B 67 17.49 -16.74 -36.94
N CYS B 68 17.24 -15.47 -36.60
CA CYS B 68 18.36 -14.59 -36.26
C CYS B 68 19.12 -15.14 -35.07
N TYR B 69 20.45 -15.01 -35.09
CA TYR B 69 21.31 -15.50 -33.99
C TYR B 69 20.80 -15.10 -32.61
N GLN B 70 20.81 -16.04 -31.68
CA GLN B 70 20.18 -15.81 -30.37
C GLN B 70 20.51 -16.93 -29.39
N TYR B 71 20.47 -16.58 -28.10
CA TYR B 71 20.65 -17.53 -27.03
C TYR B 71 19.56 -18.62 -27.11
N VAL B 72 19.93 -19.86 -26.83
CA VAL B 72 18.97 -20.95 -26.88
C VAL B 72 18.76 -21.45 -25.47
N ASP B 73 17.50 -21.46 -25.02
CA ASP B 73 17.17 -21.83 -23.64
C ASP B 73 17.44 -23.31 -23.36
N THR B 74 18.29 -23.60 -22.39
CA THR B 74 18.61 -24.98 -22.00
C THR B 74 18.18 -25.33 -20.57
N LEU B 75 17.29 -24.52 -19.98
CA LEU B 75 16.85 -24.73 -18.61
C LEU B 75 16.21 -26.11 -18.42
N TYR B 76 15.33 -26.49 -19.35
CA TYR B 76 14.66 -27.78 -19.25
C TYR B 76 14.72 -28.54 -20.56
N PRO B 77 15.87 -29.18 -20.85
CA PRO B 77 16.10 -29.81 -22.17
C PRO B 77 15.06 -30.87 -22.51
N GLY B 78 14.48 -30.77 -23.71
CA GLY B 78 13.46 -31.70 -24.14
C GLY B 78 12.05 -31.35 -23.67
N PHE B 79 11.95 -30.42 -22.72
CA PHE B 79 10.64 -30.04 -22.19
C PHE B 79 9.86 -29.21 -23.21
N GLU B 80 8.62 -29.61 -23.50
CA GLU B 80 7.80 -28.91 -24.49
C GLU B 80 7.59 -27.43 -24.16
N GLY B 81 7.36 -27.14 -22.87
CA GLY B 81 7.08 -25.79 -22.44
C GLY B 81 8.18 -24.79 -22.75
N THR B 82 9.44 -25.24 -22.79
CA THR B 82 10.51 -24.35 -23.20
C THR B 82 10.88 -24.54 -24.67
N GLU B 83 10.85 -25.78 -25.18
CA GLU B 83 11.35 -26.03 -26.54
C GLU B 83 10.46 -25.38 -27.60
N MET B 84 9.17 -25.23 -27.30
CA MET B 84 8.26 -24.60 -28.25
C MET B 84 8.65 -23.16 -28.58
N TRP B 85 9.53 -22.55 -27.80
CA TRP B 85 9.97 -21.17 -28.04
C TRP B 85 11.35 -21.10 -28.69
N ASN B 86 12.05 -22.22 -28.71
CA ASN B 86 13.41 -22.27 -29.22
C ASN B 86 13.46 -22.28 -30.75
N PRO B 87 14.60 -21.85 -31.33
CA PRO B 87 14.74 -21.85 -32.81
C PRO B 87 14.37 -23.17 -33.47
N ASN B 88 13.52 -23.12 -34.48
CA ASN B 88 13.21 -24.33 -35.25
C ASN B 88 13.76 -24.25 -36.67
N ARG B 89 14.75 -23.38 -36.87
CA ARG B 89 15.56 -23.32 -38.08
C ARG B 89 16.97 -23.04 -37.61
N GLU B 90 17.93 -23.16 -38.50
CA GLU B 90 19.32 -22.92 -38.13
C GLU B 90 19.48 -21.45 -37.81
N LEU B 91 20.42 -21.14 -36.90
CA LEU B 91 20.83 -19.77 -36.63
C LEU B 91 21.72 -19.16 -37.72
N SER B 92 21.42 -17.92 -38.09
CA SER B 92 22.23 -17.21 -39.05
C SER B 92 22.01 -15.69 -38.92
N GLU B 93 23.04 -14.91 -39.22
CA GLU B 93 22.87 -13.48 -39.33
C GLU B 93 22.07 -13.12 -40.58
N ASP B 94 22.05 -14.03 -41.55
CA ASP B 94 21.25 -13.89 -42.77
C ASP B 94 19.81 -14.31 -42.42
N CYS B 95 19.04 -13.39 -41.83
CA CYS B 95 17.73 -13.77 -41.29
C CYS B 95 16.62 -12.79 -41.58
N LEU B 96 16.87 -11.77 -42.38
CA LEU B 96 15.83 -10.76 -42.56
C LEU B 96 14.87 -11.15 -43.69
N TYR B 97 13.96 -12.07 -43.36
CA TYR B 97 12.94 -12.55 -44.28
C TYR B 97 11.59 -12.41 -43.60
N LEU B 98 10.53 -12.20 -44.39
CA LEU B 98 9.17 -12.17 -43.85
C LEU B 98 8.30 -13.19 -44.57
N ASN B 99 7.10 -13.38 -44.03
CA ASN B 99 6.19 -14.43 -44.47
C ASN B 99 4.83 -13.85 -44.77
N VAL B 100 4.18 -14.32 -45.84
CA VAL B 100 2.82 -13.84 -46.14
C VAL B 100 1.89 -15.02 -46.32
N TRP B 101 0.78 -15.02 -45.59
CA TRP B 101 -0.26 -16.00 -45.81
C TRP B 101 -1.46 -15.28 -46.37
N THR B 102 -2.09 -15.88 -47.38
CA THR B 102 -3.24 -15.27 -48.02
C THR B 102 -4.24 -16.39 -48.40
N PRO B 103 -5.53 -16.05 -48.53
CA PRO B 103 -6.50 -17.09 -48.89
C PRO B 103 -6.26 -17.68 -50.28
N TYR B 104 -6.68 -18.93 -50.48
CA TYR B 104 -6.59 -19.61 -51.78
C TYR B 104 -8.00 -19.92 -52.31
N PRO B 105 -8.40 -19.29 -53.42
CA PRO B 105 -7.60 -18.39 -54.26
C PRO B 105 -7.47 -16.97 -53.70
N ARG B 106 -6.45 -16.25 -54.17
CA ARG B 106 -6.16 -14.89 -53.78
C ARG B 106 -7.43 -14.02 -53.74
N PRO B 107 -7.55 -13.14 -52.75
CA PRO B 107 -8.75 -12.32 -52.62
C PRO B 107 -8.99 -11.44 -53.85
N THR B 108 -10.25 -11.27 -54.22
CA THR B 108 -10.60 -10.46 -55.38
C THR B 108 -10.65 -8.97 -55.02
N SER B 109 -11.12 -8.67 -53.81
CA SER B 109 -11.15 -7.30 -53.30
C SER B 109 -10.20 -7.14 -52.09
N PRO B 110 -9.56 -5.97 -51.94
CA PRO B 110 -8.53 -5.75 -50.91
C PRO B 110 -8.96 -6.18 -49.51
N THR B 111 -8.07 -6.91 -48.83
CA THR B 111 -8.40 -7.62 -47.60
C THR B 111 -7.53 -7.11 -46.44
N PRO B 112 -8.15 -6.92 -45.24
CA PRO B 112 -7.45 -6.49 -44.02
C PRO B 112 -6.21 -7.31 -43.70
N VAL B 113 -5.15 -6.60 -43.30
CA VAL B 113 -3.89 -7.26 -43.00
C VAL B 113 -3.53 -7.28 -41.53
N LEU B 114 -3.29 -8.47 -40.99
CA LEU B 114 -2.67 -8.64 -39.68
C LEU B 114 -1.16 -8.82 -39.80
N VAL B 115 -0.38 -8.00 -39.10
CA VAL B 115 1.07 -8.17 -39.08
C VAL B 115 1.60 -8.56 -37.70
N TRP B 116 2.11 -9.79 -37.59
CA TRP B 116 2.61 -10.32 -36.31
C TRP B 116 4.04 -9.94 -35.97
N ILE B 117 4.28 -9.51 -34.73
CA ILE B 117 5.64 -9.26 -34.26
C ILE B 117 5.93 -10.13 -33.03
N TYR B 118 6.88 -11.05 -33.14
CA TYR B 118 7.11 -11.95 -32.02
C TYR B 118 7.82 -11.30 -30.86
N GLY B 119 7.66 -11.91 -29.69
CA GLY B 119 8.37 -11.50 -28.49
C GLY B 119 9.51 -12.44 -28.17
N GLY B 120 10.07 -12.30 -26.98
CA GLY B 120 11.25 -13.07 -26.64
C GLY B 120 12.32 -12.18 -26.02
N GLY B 121 11.87 -11.17 -25.27
CA GLY B 121 12.75 -10.28 -24.50
C GLY B 121 13.75 -9.47 -25.30
N PHE B 122 13.50 -9.33 -26.60
CA PHE B 122 14.41 -8.72 -27.59
C PHE B 122 15.74 -9.46 -27.73
N TYR B 123 15.91 -10.61 -27.05
CA TYR B 123 17.12 -11.39 -27.24
C TYR B 123 16.85 -12.70 -28.00
N SER B 124 15.59 -12.96 -28.34
CA SER B 124 15.25 -14.23 -28.95
C SER B 124 13.92 -14.17 -29.71
N GLY B 125 13.54 -15.29 -30.33
CA GLY B 125 12.28 -15.41 -31.02
C GLY B 125 12.45 -15.57 -32.51
N ALA B 126 11.38 -16.02 -33.16
CA ALA B 126 11.42 -16.18 -34.63
C ALA B 126 10.01 -16.25 -35.18
N SER B 127 9.82 -15.87 -36.43
CA SER B 127 8.47 -15.92 -37.01
C SER B 127 8.11 -17.34 -37.47
N SER B 128 9.05 -18.27 -37.32
CA SER B 128 8.86 -19.60 -37.85
C SER B 128 8.34 -20.60 -36.81
N LEU B 129 8.24 -20.16 -35.56
CA LEU B 129 7.67 -21.01 -34.50
C LEU B 129 6.30 -21.56 -34.90
N ASP B 130 6.08 -22.85 -34.63
CA ASP B 130 4.80 -23.51 -34.88
C ASP B 130 3.62 -22.71 -34.30
N VAL B 131 3.84 -22.09 -33.16
CA VAL B 131 2.73 -21.44 -32.47
C VAL B 131 2.33 -20.13 -33.17
N TYR B 132 3.10 -19.70 -34.17
CA TYR B 132 2.83 -18.44 -34.89
C TYR B 132 2.38 -18.74 -36.31
N ASP B 133 2.04 -20.01 -36.55
CA ASP B 133 1.63 -20.46 -37.86
C ASP B 133 0.39 -19.69 -38.31
N GLY B 134 0.52 -18.91 -39.38
CA GLY B 134 -0.54 -18.03 -39.82
C GLY B 134 -1.70 -18.70 -40.57
N ARG B 135 -1.57 -20.00 -40.87
CA ARG B 135 -2.50 -20.64 -41.80
C ARG B 135 -3.94 -20.74 -41.25
N PHE B 136 -4.09 -20.92 -39.94
CA PHE B 136 -5.44 -21.08 -39.36
C PHE B 136 -6.21 -19.76 -39.32
N LEU B 137 -5.55 -18.67 -38.94
CA LEU B 137 -6.21 -17.37 -38.96
C LEU B 137 -6.69 -17.02 -40.35
N VAL B 138 -5.82 -17.27 -41.32
CA VAL B 138 -6.09 -16.87 -42.69
C VAL B 138 -7.27 -17.65 -43.25
N GLN B 139 -7.26 -18.96 -43.08
CA GLN B 139 -8.40 -19.77 -43.48
C GLN B 139 -9.70 -19.38 -42.76
N ALA B 140 -9.66 -19.31 -41.43
CA ALA B 140 -10.88 -19.06 -40.65
C ALA B 140 -11.48 -17.67 -40.88
N GLU B 141 -10.63 -16.64 -41.05
CA GLU B 141 -11.14 -15.28 -41.00
C GLU B 141 -10.88 -14.49 -42.26
N ARG B 142 -10.19 -15.12 -43.20
CA ARG B 142 -9.94 -14.56 -44.52
C ARG B 142 -9.34 -13.18 -44.41
N THR B 143 -8.31 -13.08 -43.59
CA THR B 143 -7.45 -11.91 -43.55
C THR B 143 -6.17 -12.25 -44.30
N VAL B 144 -5.32 -11.27 -44.54
CA VAL B 144 -3.93 -11.58 -44.90
C VAL B 144 -3.06 -11.48 -43.64
N LEU B 145 -2.20 -12.46 -43.41
CA LEU B 145 -1.27 -12.39 -42.29
C LEU B 145 0.20 -12.28 -42.73
N VAL B 146 0.89 -11.31 -42.15
CA VAL B 146 2.32 -11.15 -42.38
C VAL B 146 3.09 -11.31 -41.08
N SER B 147 4.23 -12.00 -41.11
CA SER B 147 5.16 -11.98 -39.96
C SER B 147 6.58 -11.75 -40.45
N MET B 148 7.41 -11.09 -39.64
CA MET B 148 8.78 -10.86 -40.08
C MET B 148 9.77 -11.32 -39.02
N ASN B 149 10.95 -11.71 -39.48
CA ASN B 149 12.08 -11.80 -38.56
C ASN B 149 12.73 -10.44 -38.37
N TYR B 150 13.26 -10.19 -37.18
CA TYR B 150 13.99 -8.97 -36.94
C TYR B 150 15.13 -9.35 -36.03
N ARG B 151 16.24 -8.63 -36.14
CA ARG B 151 17.43 -8.97 -35.37
C ARG B 151 17.22 -8.77 -33.89
N VAL B 152 17.77 -9.69 -33.09
CA VAL B 152 17.61 -9.63 -31.65
C VAL B 152 18.99 -9.64 -31.00
N GLY B 153 19.03 -9.48 -29.67
CA GLY B 153 20.29 -9.46 -28.93
C GLY B 153 21.22 -8.33 -29.35
N ALA B 154 22.53 -8.54 -29.20
CA ALA B 154 23.50 -7.55 -29.66
C ALA B 154 23.30 -7.18 -31.13
N PHE B 155 22.92 -8.14 -31.96
CA PHE B 155 22.81 -7.89 -33.41
C PHE B 155 21.70 -6.91 -33.75
N GLY B 156 20.73 -6.79 -32.84
CA GLY B 156 19.59 -5.94 -33.09
C GLY B 156 19.59 -4.67 -32.28
N PHE B 157 20.22 -4.73 -31.10
CA PHE B 157 20.03 -3.66 -30.12
C PHE B 157 21.28 -3.25 -29.38
N LEU B 158 22.43 -3.82 -29.73
CA LEU B 158 23.65 -3.24 -29.16
C LEU B 158 23.72 -1.83 -29.71
N ALA B 159 24.02 -0.88 -28.81
CA ALA B 159 24.01 0.52 -29.19
C ALA B 159 25.23 1.23 -28.62
N LEU B 160 25.95 1.93 -29.50
CA LEU B 160 26.89 2.94 -29.04
C LEU B 160 26.36 4.26 -29.53
N PRO B 161 25.48 4.89 -28.72
CA PRO B 161 24.70 6.07 -29.13
C PRO B 161 25.61 7.17 -29.69
N GLY B 162 25.14 7.87 -30.71
CA GLY B 162 25.97 8.84 -31.41
C GLY B 162 26.76 8.27 -32.59
N SER B 163 27.25 7.04 -32.48
CA SER B 163 28.08 6.42 -33.54
C SER B 163 27.28 6.00 -34.77
N ARG B 164 27.91 6.08 -35.94
CA ARG B 164 27.20 5.66 -37.14
C ARG B 164 27.33 4.16 -37.36
N GLU B 165 28.30 3.55 -36.70
CA GLU B 165 28.61 2.15 -36.89
C GLU B 165 27.76 1.18 -36.03
N ALA B 166 27.19 1.68 -34.94
CA ALA B 166 26.30 0.88 -34.12
C ALA B 166 25.28 1.79 -33.43
N PRO B 167 24.39 2.40 -34.22
CA PRO B 167 23.48 3.43 -33.69
C PRO B 167 22.42 2.91 -32.72
N GLY B 168 22.23 1.60 -32.68
CA GLY B 168 21.17 1.03 -31.88
C GLY B 168 19.85 1.00 -32.61
N ASN B 169 18.91 0.27 -32.01
CA ASN B 169 17.55 0.11 -32.46
C ASN B 169 17.37 -0.51 -33.87
N VAL B 170 18.41 -1.15 -34.41
CA VAL B 170 18.30 -1.61 -35.81
C VAL B 170 17.29 -2.77 -35.93
N GLY B 171 17.10 -3.54 -34.85
CA GLY B 171 16.03 -4.53 -34.76
C GLY B 171 14.65 -3.92 -35.00
N LEU B 172 14.46 -2.73 -34.48
CA LEU B 172 13.18 -2.02 -34.67
C LEU B 172 13.11 -1.50 -36.11
N LEU B 173 14.25 -1.09 -36.64
CA LEU B 173 14.30 -0.69 -38.05
C LEU B 173 14.03 -1.88 -39.00
N ASP B 174 14.50 -3.07 -38.63
CA ASP B 174 14.09 -4.29 -39.35
C ASP B 174 12.57 -4.39 -39.44
N GLN B 175 11.88 -4.20 -38.31
CA GLN B 175 10.42 -4.27 -38.26
C GLN B 175 9.78 -3.19 -39.11
N ARG B 176 10.31 -1.98 -39.01
CA ARG B 176 9.81 -0.87 -39.84
C ARG B 176 10.01 -1.14 -41.33
N LEU B 177 11.20 -1.63 -41.70
CA LEU B 177 11.43 -1.95 -43.12
C LEU B 177 10.38 -2.96 -43.54
N ALA B 178 10.12 -3.96 -42.69
CA ALA B 178 9.11 -4.95 -43.05
C ALA B 178 7.74 -4.28 -43.24
N LEU B 179 7.42 -3.30 -42.38
CA LEU B 179 6.13 -2.61 -42.48
C LEU B 179 6.03 -1.79 -43.77
N GLN B 180 7.10 -1.06 -44.09
CA GLN B 180 7.26 -0.45 -45.42
C GLN B 180 7.04 -1.45 -46.56
N TRP B 181 7.61 -2.64 -46.44
CA TRP B 181 7.42 -3.69 -47.45
C TRP B 181 5.96 -4.03 -47.65
N VAL B 182 5.23 -4.10 -46.54
CA VAL B 182 3.80 -4.45 -46.55
C VAL B 182 3.01 -3.37 -47.28
N GLN B 183 3.35 -2.11 -47.03
CA GLN B 183 2.70 -0.99 -47.71
C GLN B 183 2.91 -1.07 -49.24
N GLU B 184 4.16 -1.25 -49.66
CA GLU B 184 4.44 -1.29 -51.10
C GLU B 184 3.92 -2.55 -51.80
N ASN B 185 3.86 -3.68 -51.09
CA ASN B 185 3.70 -4.97 -51.77
C ASN B 185 2.51 -5.82 -51.43
N VAL B 186 1.81 -5.54 -50.31
CA VAL B 186 0.83 -6.48 -49.80
C VAL B 186 -0.36 -6.56 -50.74
N ALA B 187 -0.57 -5.49 -51.52
CA ALA B 187 -1.71 -5.45 -52.45
C ALA B 187 -1.55 -6.54 -53.52
N ALA B 188 -0.30 -6.86 -53.87
CA ALA B 188 -0.03 -7.94 -54.83
C ALA B 188 -0.51 -9.30 -54.32
N PHE B 189 -0.63 -9.46 -53.00
CA PHE B 189 -1.22 -10.70 -52.46
C PHE B 189 -2.70 -10.57 -52.15
N GLY B 190 -3.28 -9.41 -52.44
CA GLY B 190 -4.70 -9.21 -52.22
C GLY B 190 -5.03 -8.51 -50.89
N GLY B 191 -4.01 -7.99 -50.23
CA GLY B 191 -4.21 -7.34 -48.95
C GLY B 191 -4.34 -5.84 -49.08
N ASP B 192 -4.98 -5.23 -48.09
CA ASP B 192 -5.26 -3.80 -48.10
C ASP B 192 -4.22 -3.00 -47.30
N PRO B 193 -3.32 -2.30 -48.00
CA PRO B 193 -2.36 -1.44 -47.31
C PRO B 193 -3.02 -0.30 -46.50
N THR B 194 -4.32 -0.08 -46.64
CA THR B 194 -4.99 0.98 -45.88
C THR B 194 -5.69 0.41 -44.65
N SER B 195 -5.58 -0.90 -44.46
CA SER B 195 -6.11 -1.58 -43.29
C SER B 195 -5.09 -2.59 -42.74
N VAL B 196 -4.10 -2.06 -42.03
CA VAL B 196 -3.08 -2.89 -41.41
C VAL B 196 -3.06 -2.82 -39.89
N THR B 197 -3.17 -3.99 -39.26
CA THR B 197 -3.20 -4.11 -37.83
C THR B 197 -1.97 -4.85 -37.31
N LEU B 198 -1.12 -4.15 -36.57
CA LEU B 198 0.01 -4.80 -35.89
C LEU B 198 -0.45 -5.57 -34.68
N PHE B 199 0.01 -6.80 -34.50
CA PHE B 199 -0.19 -7.41 -33.20
C PHE B 199 1.08 -8.12 -32.78
N GLY B 200 1.30 -8.19 -31.47
CA GLY B 200 2.52 -8.73 -30.94
C GLY B 200 2.35 -9.14 -29.49
N GLU B 201 3.25 -9.98 -28.99
CA GLU B 201 3.13 -10.43 -27.62
C GLU B 201 4.46 -10.21 -26.92
N SER B 202 4.41 -9.80 -25.65
CA SER B 202 5.61 -9.49 -24.87
C SER B 202 6.50 -8.44 -25.56
N ALA B 203 7.78 -8.74 -25.80
CA ALA B 203 8.64 -7.80 -26.52
C ALA B 203 8.04 -7.38 -27.89
N GLY B 204 7.24 -8.25 -28.48
CA GLY B 204 6.56 -7.89 -29.71
C GLY B 204 5.45 -6.88 -29.48
N ALA B 205 4.80 -6.95 -28.30
CA ALA B 205 3.80 -5.95 -27.93
C ALA B 205 4.50 -4.63 -27.63
N ALA B 206 5.60 -4.69 -26.90
CA ALA B 206 6.39 -3.48 -26.66
C ALA B 206 6.87 -2.88 -27.99
N SER B 207 7.28 -3.73 -28.95
CA SER B 207 7.66 -3.21 -30.28
C SER B 207 6.45 -2.52 -30.93
N VAL B 208 5.28 -3.17 -30.89
CA VAL B 208 4.09 -2.57 -31.47
C VAL B 208 3.83 -1.18 -30.89
N GLY B 209 4.03 -1.05 -29.57
CA GLY B 209 3.83 0.21 -28.89
C GLY B 209 4.87 1.24 -29.29
N MET B 210 6.11 0.82 -29.46
CA MET B 210 7.13 1.76 -29.92
C MET B 210 6.85 2.27 -31.33
N HIS B 211 6.27 1.43 -32.19
CA HIS B 211 5.89 1.93 -33.51
C HIS B 211 4.75 2.95 -33.39
N LEU B 212 3.88 2.76 -32.39
CA LEU B 212 2.84 3.75 -32.08
C LEU B 212 3.40 5.12 -31.77
N LEU B 213 4.55 5.14 -31.10
CA LEU B 213 5.16 6.36 -30.57
C LEU B 213 6.32 6.91 -31.42
N SER B 214 6.57 6.28 -32.57
CA SER B 214 7.59 6.76 -33.50
C SER B 214 6.85 7.20 -34.78
N PRO B 215 6.81 8.51 -35.05
CA PRO B 215 6.01 8.98 -36.19
C PRO B 215 6.34 8.31 -37.54
N PRO B 216 7.64 8.02 -37.84
CA PRO B 216 7.82 7.39 -39.17
C PRO B 216 7.24 5.98 -39.25
N SER B 217 7.00 5.30 -38.13
CA SER B 217 6.31 4.01 -38.19
C SER B 217 4.81 4.20 -38.28
N ARG B 218 4.34 5.25 -37.60
CA ARG B 218 2.93 5.41 -37.29
C ARG B 218 2.08 5.49 -38.57
N GLY B 219 2.66 6.05 -39.62
CA GLY B 219 1.98 6.09 -40.90
C GLY B 219 1.82 4.74 -41.62
N LEU B 220 2.49 3.70 -41.12
CA LEU B 220 2.54 2.41 -41.82
C LEU B 220 1.45 1.43 -41.40
N PHE B 221 0.64 1.81 -40.42
CA PHE B 221 -0.44 0.95 -39.94
C PHE B 221 -1.56 1.76 -39.27
N HIS B 222 -2.66 1.09 -38.93
CA HIS B 222 -3.87 1.81 -38.56
C HIS B 222 -4.44 1.39 -37.22
N ARG B 223 -4.14 0.17 -36.78
CA ARG B 223 -4.57 -0.31 -35.47
C ARG B 223 -3.48 -1.12 -34.82
N ALA B 224 -3.66 -1.40 -33.54
CA ALA B 224 -2.66 -2.13 -32.80
C ALA B 224 -3.25 -3.06 -31.76
N VAL B 225 -2.58 -4.19 -31.56
CA VAL B 225 -2.92 -5.16 -30.52
C VAL B 225 -1.67 -5.41 -29.71
N LEU B 226 -1.76 -5.21 -28.40
CA LEU B 226 -0.62 -5.44 -27.51
C LEU B 226 -0.97 -6.48 -26.50
N GLN B 227 -0.39 -7.67 -26.67
CA GLN B 227 -0.63 -8.80 -25.79
C GLN B 227 0.51 -8.96 -24.78
N SER B 228 0.19 -8.79 -23.49
CA SER B 228 1.14 -9.06 -22.41
C SER B 228 2.47 -8.30 -22.56
N GLY B 229 2.40 -7.05 -22.98
CA GLY B 229 3.61 -6.27 -23.07
C GLY B 229 3.27 -4.85 -23.44
N ALA B 230 4.18 -3.94 -23.16
CA ALA B 230 3.97 -2.52 -23.38
C ALA B 230 5.33 -1.87 -23.54
N PRO B 231 5.39 -0.76 -24.27
CA PRO B 231 6.69 -0.14 -24.53
C PRO B 231 7.27 0.53 -23.27
N ASN B 232 6.39 0.91 -22.32
CA ASN B 232 6.77 1.52 -21.05
C ASN B 232 7.13 0.50 -19.99
N GLY B 233 7.07 -0.78 -20.33
CA GLY B 233 7.55 -1.81 -19.41
C GLY B 233 8.99 -1.55 -19.00
N PRO B 234 9.32 -1.77 -17.70
CA PRO B 234 10.66 -1.46 -17.18
C PRO B 234 11.82 -2.25 -17.85
N TRP B 235 11.51 -3.32 -18.57
CA TRP B 235 12.51 -4.15 -19.24
C TRP B 235 12.69 -3.79 -20.71
N ALA B 236 11.82 -2.91 -21.21
CA ALA B 236 11.62 -2.77 -22.65
C ALA B 236 12.53 -1.72 -23.32
N THR B 237 13.08 -0.80 -22.53
CA THR B 237 13.97 0.22 -23.06
C THR B 237 15.11 0.44 -22.11
N VAL B 238 16.15 1.10 -22.60
CA VAL B 238 17.32 1.41 -21.79
C VAL B 238 17.77 2.85 -22.12
N GLY B 239 18.46 3.52 -21.18
CA GLY B 239 19.01 4.85 -21.44
C GLY B 239 20.29 4.80 -22.30
N MET B 240 20.66 5.94 -22.90
CA MET B 240 21.85 5.98 -23.78
C MET B 240 23.11 5.51 -23.07
N GLY B 241 23.31 6.01 -21.86
CA GLY B 241 24.53 5.70 -21.12
C GLY B 241 24.63 4.27 -20.69
N GLU B 242 23.51 3.71 -20.22
CA GLU B 242 23.51 2.32 -19.79
C GLU B 242 23.70 1.40 -21.02
N ALA B 243 23.16 1.81 -22.17
CA ALA B 243 23.35 1.06 -23.43
C ALA B 243 24.83 1.02 -23.77
N ARG B 244 25.46 2.18 -23.69
CA ARG B 244 26.89 2.27 -24.00
C ARG B 244 27.71 1.40 -23.06
N ARG B 245 27.33 1.40 -21.79
CA ARG B 245 28.03 0.64 -20.77
C ARG B 245 28.00 -0.85 -21.06
N ARG B 246 26.84 -1.32 -21.52
CA ARG B 246 26.62 -2.72 -21.85
C ARG B 246 27.36 -3.11 -23.15
N ALA B 247 27.27 -2.25 -24.16
CA ALA B 247 27.99 -2.46 -25.42
C ALA B 247 29.45 -2.60 -25.12
N THR B 248 29.96 -1.63 -24.36
CA THR B 248 31.37 -1.58 -24.01
C THR B 248 31.80 -2.79 -23.19
N GLN B 249 30.96 -3.23 -22.27
N GLN B 249 30.96 -3.24 -22.27
CA GLN B 249 31.33 -4.39 -21.45
CA GLN B 249 31.33 -4.39 -21.44
C GLN B 249 31.37 -5.65 -22.31
C GLN B 249 31.32 -5.68 -22.27
N LEU B 250 30.46 -5.73 -23.28
CA LEU B 250 30.39 -6.89 -24.16
C LEU B 250 31.66 -6.92 -24.99
N ALA B 251 31.97 -5.79 -25.63
CA ALA B 251 33.25 -5.61 -26.33
C ALA B 251 34.40 -6.09 -25.47
N HIS B 252 34.45 -5.60 -24.23
CA HIS B 252 35.52 -5.97 -23.32
C HIS B 252 35.61 -7.48 -23.11
N LEU B 253 34.48 -8.12 -22.87
CA LEU B 253 34.46 -9.56 -22.57
C LEU B 253 34.86 -10.46 -23.75
N VAL B 254 34.91 -9.90 -24.96
CA VAL B 254 35.30 -10.69 -26.14
C VAL B 254 36.58 -10.15 -26.75
N GLY B 255 37.32 -9.37 -25.96
CA GLY B 255 38.61 -8.84 -26.35
C GLY B 255 38.65 -7.57 -27.19
N CYS B 256 37.61 -6.75 -27.16
CA CYS B 256 37.64 -5.51 -27.93
C CYS B 256 37.56 -4.27 -27.03
N PRO B 257 38.46 -3.30 -27.25
CA PRO B 257 39.57 -3.41 -28.19
C PRO B 257 40.74 -4.11 -27.50
N PRO B 258 41.76 -4.54 -28.26
CA PRO B 258 42.93 -5.17 -27.63
C PRO B 258 43.86 -4.13 -26.99
N THR B 261 39.21 -1.04 -23.48
CA THR B 261 37.87 -0.56 -23.14
C THR B 261 37.60 0.81 -23.77
N GLY B 262 36.44 0.92 -24.43
CA GLY B 262 36.04 2.18 -25.04
C GLY B 262 36.95 2.56 -26.18
N GLY B 263 37.36 3.84 -26.22
CA GLY B 263 38.14 4.38 -27.30
C GLY B 263 37.27 4.77 -28.50
N ASN B 264 37.88 4.87 -29.69
CA ASN B 264 37.15 5.17 -30.92
C ASN B 264 35.98 4.21 -31.12
N ASP B 265 34.78 4.74 -31.42
CA ASP B 265 33.63 3.86 -31.64
C ASP B 265 33.84 3.02 -32.92
N THR B 266 34.33 3.65 -33.98
CA THR B 266 34.61 2.95 -35.23
C THR B 266 35.57 1.77 -34.99
N GLU B 267 36.69 1.99 -34.33
CA GLU B 267 37.60 0.88 -34.03
C GLU B 267 36.93 -0.23 -33.21
N LEU B 268 36.16 0.16 -32.20
CA LEU B 268 35.50 -0.80 -31.31
C LEU B 268 34.50 -1.69 -32.07
N VAL B 269 33.65 -1.09 -32.88
CA VAL B 269 32.66 -1.89 -33.58
C VAL B 269 33.35 -2.79 -34.60
N ALA B 270 34.38 -2.28 -35.27
CA ALA B 270 35.11 -3.08 -36.26
C ALA B 270 35.68 -4.34 -35.62
N CYS B 271 36.19 -4.21 -34.41
CA CYS B 271 36.67 -5.39 -33.69
C CYS B 271 35.49 -6.32 -33.29
N LEU B 272 34.33 -5.75 -32.94
CA LEU B 272 33.17 -6.58 -32.62
C LEU B 272 32.72 -7.33 -33.88
N ARG B 273 32.82 -6.70 -35.04
CA ARG B 273 32.41 -7.32 -36.30
C ARG B 273 33.28 -8.50 -36.72
N THR B 274 34.44 -8.70 -36.09
CA THR B 274 35.32 -9.83 -36.48
C THR B 274 35.09 -11.02 -35.57
N ARG B 275 34.21 -10.84 -34.60
CA ARG B 275 33.87 -11.95 -33.72
C ARG B 275 32.79 -12.82 -34.37
N PRO B 276 32.95 -14.14 -34.29
CA PRO B 276 31.88 -15.07 -34.68
C PRO B 276 30.59 -14.75 -33.90
N ALA B 277 29.45 -14.78 -34.58
CA ALA B 277 28.15 -14.49 -33.97
C ALA B 277 27.96 -15.22 -32.67
N GLN B 278 28.28 -16.51 -32.67
CA GLN B 278 28.04 -17.36 -31.52
C GLN B 278 28.82 -16.87 -30.30
N VAL B 279 29.99 -16.27 -30.54
CA VAL B 279 30.81 -15.75 -29.44
C VAL B 279 30.09 -14.59 -28.73
N LEU B 280 29.48 -13.69 -29.50
CA LEU B 280 28.72 -12.60 -28.88
C LEU B 280 27.57 -13.17 -28.06
N VAL B 281 26.80 -14.09 -28.64
CA VAL B 281 25.69 -14.74 -27.94
C VAL B 281 26.12 -15.38 -26.61
N ASN B 282 27.30 -16.01 -26.60
CA ASN B 282 27.74 -16.71 -25.39
C ASN B 282 28.11 -15.78 -24.24
N HIS B 283 28.37 -14.51 -24.55
CA HIS B 283 28.77 -13.57 -23.51
C HIS B 283 27.67 -12.58 -23.17
N GLU B 284 26.60 -12.59 -23.97
CA GLU B 284 25.49 -11.68 -23.82
C GLU B 284 24.94 -11.54 -22.39
N TRP B 285 24.72 -12.65 -21.70
CA TRP B 285 24.01 -12.55 -20.42
C TRP B 285 24.91 -12.01 -19.32
N HIS B 286 26.21 -11.91 -19.60
CA HIS B 286 27.16 -11.47 -18.60
C HIS B 286 27.34 -9.94 -18.54
N VAL B 287 26.65 -9.19 -19.40
CA VAL B 287 26.77 -7.74 -19.33
C VAL B 287 25.72 -7.05 -18.42
N LEU B 288 24.69 -7.76 -17.95
CA LEU B 288 23.64 -7.12 -17.15
C LEU B 288 24.17 -6.62 -15.80
N PRO B 289 23.69 -5.44 -15.34
CA PRO B 289 24.15 -4.80 -14.10
C PRO B 289 23.90 -5.66 -12.85
N GLN B 290 22.69 -6.18 -12.68
CA GLN B 290 22.43 -7.08 -11.57
C GLN B 290 21.86 -8.41 -12.05
N GLU B 291 22.04 -9.45 -11.23
CA GLU B 291 21.48 -10.75 -11.55
C GLU B 291 19.98 -10.67 -11.36
N SER B 292 19.25 -11.13 -12.38
CA SER B 292 17.82 -10.92 -12.39
C SER B 292 17.11 -11.83 -13.36
N VAL B 293 15.96 -12.31 -12.94
CA VAL B 293 14.97 -12.75 -13.91
C VAL B 293 14.48 -11.46 -14.57
N PHE B 294 14.09 -11.57 -15.84
N PHE B 294 14.04 -11.58 -15.82
CA PHE B 294 13.24 -10.55 -16.45
CA PHE B 294 13.23 -10.56 -16.48
C PHE B 294 13.94 -9.31 -16.95
C PHE B 294 13.95 -9.29 -16.88
N ARG B 295 15.27 -9.37 -17.06
CA ARG B 295 15.99 -8.22 -17.63
C ARG B 295 16.90 -8.73 -18.74
N PHE B 296 16.98 -7.94 -19.80
CA PHE B 296 17.59 -8.40 -21.02
C PHE B 296 18.65 -7.41 -21.48
N SER B 297 19.78 -7.92 -21.91
CA SER B 297 20.96 -7.08 -22.08
C SER B 297 20.79 -5.99 -23.13
N PHE B 298 20.32 -6.37 -24.30
CA PHE B 298 20.25 -5.43 -25.39
C PHE B 298 18.82 -5.23 -25.82
N VAL B 299 18.35 -4.01 -25.65
CA VAL B 299 16.94 -3.71 -25.85
C VAL B 299 16.88 -2.34 -26.50
N PRO B 300 15.69 -1.93 -26.98
CA PRO B 300 15.59 -0.58 -27.55
C PRO B 300 16.14 0.50 -26.64
N VAL B 301 16.83 1.45 -27.29
CA VAL B 301 17.49 2.52 -26.57
C VAL B 301 16.73 3.82 -26.79
N VAL B 302 16.50 4.55 -25.70
CA VAL B 302 15.90 5.89 -25.79
C VAL B 302 16.99 6.90 -26.13
N ASP B 303 17.00 7.38 -27.37
CA ASP B 303 18.12 8.19 -27.85
C ASP B 303 17.71 9.39 -28.73
N GLY B 304 16.44 9.75 -28.75
CA GLY B 304 16.01 10.92 -29.47
C GLY B 304 15.69 10.66 -30.93
N ASP B 305 16.14 9.51 -31.45
CA ASP B 305 15.95 9.18 -32.86
C ASP B 305 14.66 8.37 -33.04
N PHE B 306 14.75 7.04 -32.94
CA PHE B 306 13.54 6.22 -33.07
C PHE B 306 12.49 6.64 -32.00
N LEU B 307 12.94 6.77 -30.76
CA LEU B 307 12.13 7.30 -29.65
C LEU B 307 12.63 8.69 -29.26
N SER B 308 11.83 9.72 -29.51
CA SER B 308 12.26 11.09 -29.20
C SER B 308 12.30 11.35 -27.68
N ASP B 309 11.58 10.54 -26.92
CA ASP B 309 11.58 10.63 -25.47
C ASP B 309 11.28 9.24 -24.93
N THR B 310 11.27 9.07 -23.61
CA THR B 310 10.88 7.81 -23.03
C THR B 310 9.47 7.48 -23.48
N PRO B 311 9.17 6.19 -23.60
CA PRO B 311 7.80 5.85 -23.98
C PRO B 311 6.78 6.38 -22.95
N GLU B 312 7.15 6.43 -21.67
CA GLU B 312 6.26 7.04 -20.67
C GLU B 312 5.88 8.48 -21.05
N ALA B 313 6.89 9.32 -21.27
CA ALA B 313 6.65 10.68 -21.72
C ALA B 313 5.80 10.74 -22.98
N LEU B 314 6.17 9.95 -23.98
CA LEU B 314 5.50 9.97 -25.28
C LEU B 314 4.04 9.54 -25.18
N ILE B 315 3.78 8.57 -24.32
CA ILE B 315 2.42 8.14 -24.05
C ILE B 315 1.62 9.29 -23.42
N ASN B 316 2.20 9.99 -22.45
CA ASN B 316 1.47 11.05 -21.75
C ASN B 316 1.16 12.25 -22.65
N ALA B 317 2.05 12.52 -23.60
CA ALA B 317 1.95 13.72 -24.42
C ALA B 317 1.19 13.49 -25.72
N GLY B 318 0.87 12.25 -26.02
CA GLY B 318 0.37 11.93 -27.34
C GLY B 318 -1.11 12.23 -27.53
N ASP B 319 -1.44 12.61 -28.75
CA ASP B 319 -2.82 12.67 -29.20
C ASP B 319 -3.10 11.36 -29.95
N PHE B 320 -4.06 10.58 -29.47
CA PHE B 320 -4.31 9.28 -30.08
C PHE B 320 -5.70 9.19 -30.69
N HIS B 321 -6.26 10.32 -31.08
CA HIS B 321 -7.56 10.30 -31.76
C HIS B 321 -7.41 9.60 -33.11
N GLY B 322 -8.41 8.81 -33.48
CA GLY B 322 -8.36 8.08 -34.74
C GLY B 322 -7.76 6.70 -34.59
N LEU B 323 -7.32 6.37 -33.38
CA LEU B 323 -6.66 5.09 -33.13
C LEU B 323 -7.54 4.13 -32.33
N GLN B 324 -7.58 2.88 -32.78
CA GLN B 324 -8.17 1.80 -31.98
C GLN B 324 -7.06 0.83 -31.56
N VAL B 325 -7.14 0.36 -30.33
CA VAL B 325 -6.12 -0.49 -29.72
C VAL B 325 -6.79 -1.57 -28.93
N LEU B 326 -6.21 -2.77 -28.98
CA LEU B 326 -6.70 -3.90 -28.20
C LEU B 326 -5.54 -4.37 -27.33
N VAL B 327 -5.76 -4.46 -26.03
CA VAL B 327 -4.69 -4.83 -25.10
C VAL B 327 -5.15 -5.85 -24.10
N GLY B 328 -4.21 -6.61 -23.57
CA GLY B 328 -4.58 -7.54 -22.53
C GLY B 328 -3.41 -8.26 -21.94
N VAL B 329 -3.73 -9.14 -20.99
CA VAL B 329 -2.74 -9.87 -20.24
C VAL B 329 -3.31 -11.27 -20.03
N VAL B 330 -2.45 -12.21 -19.66
CA VAL B 330 -2.91 -13.52 -19.18
C VAL B 330 -3.16 -13.45 -17.66
N LYS B 331 -3.74 -14.51 -17.10
CA LYS B 331 -4.16 -14.50 -15.71
C LYS B 331 -2.98 -14.50 -14.74
N ASP B 332 -1.91 -15.20 -15.09
CA ASP B 332 -0.75 -15.28 -14.21
C ASP B 332 0.55 -14.89 -14.95
N GLU B 333 0.67 -13.61 -15.27
CA GLU B 333 1.80 -13.07 -15.99
C GLU B 333 3.15 -13.41 -15.36
N GLY B 334 3.19 -13.44 -14.02
CA GLY B 334 4.47 -13.54 -13.36
C GLY B 334 5.09 -14.91 -13.16
N SER B 335 4.24 -15.94 -13.04
CA SER B 335 4.67 -17.29 -12.65
C SER B 335 5.78 -17.92 -13.54
N TYR B 336 5.61 -17.82 -14.85
CA TYR B 336 6.62 -18.37 -15.78
C TYR B 336 8.03 -17.89 -15.46
N PHE B 337 8.19 -16.60 -15.19
CA PHE B 337 9.52 -16.01 -15.00
C PHE B 337 10.26 -16.45 -13.74
N LEU B 338 9.52 -16.86 -12.72
CA LEU B 338 10.12 -17.16 -11.42
C LEU B 338 11.09 -18.37 -11.46
N VAL B 339 10.82 -19.34 -12.33
CA VAL B 339 11.71 -20.51 -12.41
C VAL B 339 13.03 -20.19 -13.10
N TYR B 340 13.19 -18.95 -13.56
CA TYR B 340 14.45 -18.56 -14.18
C TYR B 340 15.33 -17.75 -13.25
N GLY B 341 15.29 -18.04 -11.95
CA GLY B 341 16.21 -17.38 -11.04
C GLY B 341 15.74 -17.05 -9.64
N ALA B 342 14.43 -16.97 -9.44
CA ALA B 342 13.91 -16.71 -8.10
C ALA B 342 14.23 -17.91 -7.20
N PRO B 343 14.92 -17.65 -6.07
CA PRO B 343 15.30 -18.71 -5.14
C PRO B 343 14.11 -19.52 -4.65
N GLY B 344 14.20 -20.83 -4.75
CA GLY B 344 13.14 -21.72 -4.30
C GLY B 344 12.17 -22.20 -5.37
N PHE B 345 12.32 -21.69 -6.59
CA PHE B 345 11.35 -22.03 -7.62
C PHE B 345 11.82 -23.14 -8.56
N SER B 346 10.87 -23.98 -8.96
CA SER B 346 11.13 -25.00 -9.97
C SER B 346 9.81 -25.39 -10.59
N LYS B 347 9.83 -25.77 -11.87
CA LYS B 347 8.61 -26.30 -12.47
C LYS B 347 8.32 -27.68 -11.90
N ASP B 348 9.32 -28.29 -11.27
CA ASP B 348 9.19 -29.70 -10.90
C ASP B 348 8.78 -29.94 -9.45
N ASN B 349 8.55 -28.86 -8.71
CA ASN B 349 7.91 -28.98 -7.38
C ASN B 349 6.96 -27.80 -7.17
N GLU B 350 6.31 -27.76 -6.00
CA GLU B 350 5.26 -26.79 -5.74
C GLU B 350 5.78 -25.36 -5.53
N SER B 351 7.08 -25.22 -5.36
CA SER B 351 7.71 -23.90 -5.21
C SER B 351 7.11 -23.14 -4.01
N LEU B 352 6.81 -23.87 -2.95
CA LEU B 352 6.36 -23.27 -1.69
C LEU B 352 7.54 -22.62 -0.96
N ILE B 353 7.76 -21.34 -1.23
CA ILE B 353 8.95 -20.65 -0.75
C ILE B 353 8.82 -20.09 0.67
N SER B 354 9.96 -19.83 1.30
CA SER B 354 10.00 -19.23 2.62
C SER B 354 9.88 -17.71 2.52
N ARG B 355 9.65 -17.08 3.66
CA ARG B 355 9.62 -15.63 3.71
C ARG B 355 10.94 -15.06 3.21
N ALA B 356 12.03 -15.68 3.64
CA ALA B 356 13.36 -15.19 3.28
C ALA B 356 13.58 -15.32 1.76
N GLU B 357 12.98 -16.35 1.17
CA GLU B 357 13.11 -16.58 -0.26
C GLU B 357 12.29 -15.55 -1.05
N PHE B 358 11.13 -15.21 -0.51
CA PHE B 358 10.27 -14.16 -1.05
C PHE B 358 10.98 -12.81 -1.06
N LEU B 359 11.59 -12.45 0.07
CA LEU B 359 12.30 -11.18 0.16
C LEU B 359 13.42 -11.15 -0.85
N ALA B 360 14.10 -12.28 -1.03
CA ALA B 360 15.20 -12.36 -1.97
C ALA B 360 14.68 -12.30 -3.41
N GLY B 361 13.51 -12.91 -3.62
CA GLY B 361 12.87 -12.91 -4.93
C GLY B 361 12.41 -11.54 -5.35
N VAL B 362 11.98 -10.73 -4.41
CA VAL B 362 11.58 -9.37 -4.74
C VAL B 362 12.74 -8.61 -5.40
N ARG B 363 13.96 -8.80 -4.92
CA ARG B 363 15.13 -8.10 -5.48
C ARG B 363 15.45 -8.58 -6.89
N VAL B 364 15.23 -9.87 -7.13
CA VAL B 364 15.48 -10.47 -8.43
C VAL B 364 14.40 -10.04 -9.44
N GLY B 365 13.16 -9.98 -8.95
CA GLY B 365 12.01 -9.67 -9.79
C GLY B 365 11.77 -8.19 -9.96
N VAL B 366 12.41 -7.38 -9.12
CA VAL B 366 12.32 -5.93 -9.25
C VAL B 366 13.72 -5.38 -9.13
N PRO B 367 14.56 -5.61 -10.18
CA PRO B 367 15.96 -5.22 -10.14
C PRO B 367 16.16 -3.72 -10.28
N GLN B 368 17.26 -3.24 -9.70
CA GLN B 368 17.70 -1.86 -9.86
C GLN B 368 16.75 -0.82 -9.24
N VAL B 369 16.13 -1.18 -8.12
CA VAL B 369 15.43 -0.18 -7.31
C VAL B 369 16.10 -0.08 -5.95
N SER B 370 16.01 1.08 -5.31
CA SER B 370 16.56 1.29 -3.98
C SER B 370 15.97 0.34 -2.92
N ASP B 371 16.65 0.26 -1.76
CA ASP B 371 16.17 -0.59 -0.67
C ASP B 371 14.80 -0.12 -0.18
N LEU B 372 14.65 1.19 -0.12
CA LEU B 372 13.38 1.79 0.26
C LEU B 372 12.28 1.30 -0.68
N ALA B 373 12.57 1.27 -1.98
CA ALA B 373 11.61 0.83 -2.98
C ALA B 373 11.24 -0.64 -2.78
N ALA B 374 12.24 -1.47 -2.54
CA ALA B 374 12.00 -2.88 -2.27
C ALA B 374 11.13 -3.06 -1.03
N GLU B 375 11.40 -2.26 0.02
CA GLU B 375 10.57 -2.31 1.23
C GLU B 375 9.13 -1.97 0.91
N ALA B 376 8.94 -0.93 0.09
CA ALA B 376 7.58 -0.58 -0.30
C ALA B 376 6.88 -1.77 -1.02
N VAL B 377 7.63 -2.52 -1.85
CA VAL B 377 7.04 -3.67 -2.52
C VAL B 377 6.69 -4.78 -1.54
N VAL B 378 7.62 -5.08 -0.64
CA VAL B 378 7.35 -6.05 0.42
C VAL B 378 6.11 -5.68 1.25
N LEU B 379 5.94 -4.39 1.53
CA LEU B 379 4.78 -3.92 2.32
C LEU B 379 3.46 -4.18 1.61
N HIS B 380 3.39 -3.79 0.34
N HIS B 380 3.39 -3.76 0.35
CA HIS B 380 2.14 -3.86 -0.40
CA HIS B 380 2.17 -3.87 -0.42
C HIS B 380 1.83 -5.28 -0.88
C HIS B 380 1.80 -5.34 -0.60
N TYR B 381 2.80 -6.18 -0.82
CA TYR B 381 2.54 -7.56 -1.23
C TYR B 381 2.51 -8.58 -0.09
N THR B 382 2.91 -8.19 1.10
CA THR B 382 2.74 -9.06 2.26
C THR B 382 1.33 -9.04 2.83
N ASP B 383 0.78 -10.21 3.10
CA ASP B 383 -0.45 -10.31 3.90
C ASP B 383 -0.02 -10.33 5.37
N TRP B 384 -0.30 -9.26 6.11
CA TRP B 384 0.28 -9.15 7.44
C TRP B 384 -0.48 -9.96 8.49
N LEU B 385 -1.55 -10.62 8.09
CA LEU B 385 -2.20 -11.62 8.92
C LEU B 385 -1.66 -13.02 8.64
N HIS B 386 -0.95 -13.17 7.52
CA HIS B 386 -0.32 -14.45 7.16
C HIS B 386 1.04 -14.19 6.53
N PRO B 387 1.97 -13.62 7.29
CA PRO B 387 3.20 -13.13 6.64
C PRO B 387 4.15 -14.20 6.11
N GLU B 388 3.94 -15.45 6.48
CA GLU B 388 4.94 -16.48 6.18
C GLU B 388 4.37 -17.74 5.54
N ASP B 389 3.09 -17.71 5.19
CA ASP B 389 2.47 -18.81 4.46
C ASP B 389 3.10 -19.04 3.07
N PRO B 390 3.77 -20.18 2.85
CA PRO B 390 4.51 -20.40 1.59
C PRO B 390 3.67 -20.24 0.32
N ALA B 391 2.50 -20.90 0.25
CA ALA B 391 1.60 -20.77 -0.91
C ALA B 391 1.23 -19.32 -1.22
N ARG B 392 0.90 -18.55 -0.19
CA ARG B 392 0.59 -17.14 -0.37
C ARG B 392 1.79 -16.32 -0.82
N LEU B 393 2.97 -16.67 -0.29
CA LEU B 393 4.18 -16.00 -0.69
C LEU B 393 4.53 -16.27 -2.18
N ARG B 394 4.26 -17.50 -2.61
CA ARG B 394 4.53 -17.91 -3.99
C ARG B 394 3.64 -17.09 -4.93
N GLU B 395 2.35 -17.08 -4.63
CA GLU B 395 1.37 -16.26 -5.34
C GLU B 395 1.72 -14.78 -5.34
N ALA B 396 2.20 -14.28 -4.20
CA ALA B 396 2.48 -12.85 -4.10
C ALA B 396 3.70 -12.48 -4.94
N LEU B 397 4.71 -13.34 -4.96
CA LEU B 397 5.89 -13.07 -5.77
C LEU B 397 5.52 -13.10 -7.26
N SER B 398 4.70 -14.06 -7.65
CA SER B 398 4.18 -14.11 -9.01
C SER B 398 3.48 -12.79 -9.36
N ASP B 399 2.65 -12.31 -8.44
CA ASP B 399 1.98 -11.01 -8.58
C ASP B 399 2.96 -9.85 -8.72
N VAL B 400 3.95 -9.79 -7.84
CA VAL B 400 4.99 -8.75 -7.93
C VAL B 400 5.61 -8.67 -9.35
N VAL B 401 6.12 -9.81 -9.80
CA VAL B 401 6.84 -9.87 -11.07
C VAL B 401 5.90 -9.55 -12.24
N GLY B 402 4.72 -10.18 -12.25
CA GLY B 402 3.74 -9.92 -13.29
C GLY B 402 3.24 -8.48 -13.34
N ASP B 403 2.93 -7.93 -12.15
CA ASP B 403 2.38 -6.57 -12.05
C ASP B 403 3.39 -5.54 -12.52
N HIS B 404 4.61 -5.65 -11.99
CA HIS B 404 5.68 -4.71 -12.28
C HIS B 404 6.07 -4.73 -13.77
N ASN B 405 6.15 -5.91 -14.35
CA ASN B 405 6.71 -6.07 -15.71
C ASN B 405 5.68 -6.08 -16.85
N VAL B 406 4.48 -6.59 -16.58
CA VAL B 406 3.46 -6.66 -17.62
C VAL B 406 2.16 -5.90 -17.30
N VAL B 407 1.45 -6.34 -16.25
CA VAL B 407 0.08 -5.86 -16.02
C VAL B 407 0.00 -4.35 -15.86
N CYS B 408 0.85 -3.78 -15.01
CA CYS B 408 0.71 -2.35 -14.75
C CYS B 408 1.24 -1.47 -15.88
N PRO B 409 2.36 -1.87 -16.54
CA PRO B 409 2.66 -1.14 -17.79
C PRO B 409 1.52 -1.16 -18.81
N VAL B 410 0.88 -2.31 -19.06
CA VAL B 410 -0.27 -2.37 -19.95
C VAL B 410 -1.43 -1.46 -19.44
N ALA B 411 -1.80 -1.60 -18.15
CA ALA B 411 -2.88 -0.78 -17.59
C ALA B 411 -2.63 0.71 -17.78
N GLN B 412 -1.40 1.13 -17.50
CA GLN B 412 -1.07 2.52 -17.65
C GLN B 412 -1.18 2.98 -19.11
N LEU B 413 -0.68 2.16 -20.04
CA LEU B 413 -0.79 2.47 -21.46
C LEU B 413 -2.27 2.57 -21.83
N ALA B 414 -3.04 1.59 -21.41
CA ALA B 414 -4.46 1.55 -21.73
C ALA B 414 -5.19 2.79 -21.27
N GLY B 415 -4.92 3.21 -20.03
CA GLY B 415 -5.64 4.33 -19.43
C GLY B 415 -5.28 5.66 -20.08
N ARG B 416 -3.99 5.87 -20.32
CA ARG B 416 -3.57 7.07 -21.01
C ARG B 416 -4.07 7.15 -22.47
N LEU B 417 -4.01 6.04 -23.21
CA LEU B 417 -4.48 6.04 -24.61
C LEU B 417 -5.96 6.40 -24.65
N ALA B 418 -6.75 5.75 -23.79
CA ALA B 418 -8.17 6.04 -23.65
C ALA B 418 -8.45 7.52 -23.34
N ALA B 419 -7.74 8.06 -22.34
CA ALA B 419 -7.96 9.44 -21.91
C ALA B 419 -7.59 10.44 -23.00
N GLN B 420 -6.71 10.05 -23.90
CA GLN B 420 -6.24 10.98 -24.92
C GLN B 420 -6.71 10.67 -26.31
N GLY B 421 -7.83 9.96 -26.42
CA GLY B 421 -8.53 9.92 -27.69
C GLY B 421 -8.68 8.58 -28.39
N ALA B 422 -8.01 7.56 -27.88
CA ALA B 422 -8.07 6.26 -28.54
C ALA B 422 -9.25 5.44 -28.07
N ARG B 423 -9.84 4.67 -28.97
CA ARG B 423 -10.77 3.63 -28.54
C ARG B 423 -9.97 2.38 -28.18
N VAL B 424 -10.10 1.96 -26.92
CA VAL B 424 -9.32 0.88 -26.34
C VAL B 424 -10.22 -0.28 -25.90
N TYR B 425 -9.78 -1.51 -26.15
CA TYR B 425 -10.46 -2.69 -25.64
C TYR B 425 -9.46 -3.50 -24.83
N ALA B 426 -9.91 -4.06 -23.70
CA ALA B 426 -8.99 -4.77 -22.81
C ALA B 426 -9.51 -6.14 -22.43
N TYR B 427 -8.61 -7.09 -22.24
CA TYR B 427 -8.98 -8.46 -21.88
C TYR B 427 -8.04 -9.02 -20.84
N VAL B 428 -8.49 -10.09 -20.18
CA VAL B 428 -7.64 -10.94 -19.37
C VAL B 428 -7.90 -12.35 -19.86
N PHE B 429 -6.85 -13.08 -20.19
CA PHE B 429 -6.97 -14.41 -20.77
C PHE B 429 -6.85 -15.40 -19.61
N GLU B 430 -7.89 -16.20 -19.38
CA GLU B 430 -7.99 -16.96 -18.15
C GLU B 430 -8.15 -18.45 -18.35
N HIS B 431 -7.89 -18.92 -19.57
CA HIS B 431 -8.04 -20.34 -19.82
C HIS B 431 -6.70 -21.05 -19.75
N ARG B 432 -6.65 -22.09 -18.92
CA ARG B 432 -5.47 -22.94 -18.87
C ARG B 432 -5.64 -24.09 -19.83
N ALA B 433 -4.81 -24.12 -20.89
CA ALA B 433 -4.89 -25.14 -21.92
C ALA B 433 -4.80 -26.55 -21.34
N SER B 434 -5.66 -27.45 -21.82
CA SER B 434 -5.61 -28.85 -21.41
C SER B 434 -4.25 -29.46 -21.75
N THR B 435 -3.57 -28.91 -22.75
CA THR B 435 -2.30 -29.48 -23.19
C THR B 435 -1.09 -28.85 -22.50
N LEU B 436 -1.33 -27.88 -21.63
CA LEU B 436 -0.24 -27.15 -20.99
C LEU B 436 0.68 -28.09 -20.22
N SER B 437 1.98 -27.95 -20.42
CA SER B 437 2.97 -28.84 -19.83
C SER B 437 3.65 -28.24 -18.60
N TRP B 438 3.50 -26.93 -18.39
CA TRP B 438 3.95 -26.30 -17.14
C TRP B 438 3.07 -26.77 -15.99
N PRO B 439 3.63 -26.78 -14.76
CA PRO B 439 2.89 -27.24 -13.58
C PRO B 439 1.65 -26.40 -13.25
N LEU B 440 0.74 -27.02 -12.53
CA LEU B 440 -0.56 -26.41 -12.21
C LEU B 440 -0.42 -25.11 -11.41
N TRP B 441 0.60 -24.99 -10.57
CA TRP B 441 0.73 -23.78 -9.75
C TRP B 441 1.01 -22.51 -10.58
N MET B 442 1.56 -22.67 -11.79
CA MET B 442 1.78 -21.52 -12.63
C MET B 442 0.47 -20.93 -13.21
N GLY B 443 -0.67 -21.62 -13.03
CA GLY B 443 -1.94 -21.12 -13.54
C GLY B 443 -1.92 -20.95 -15.06
N VAL B 444 -2.31 -19.76 -15.52
CA VAL B 444 -2.25 -19.41 -16.93
C VAL B 444 -1.03 -18.51 -17.20
N PRO B 445 0.09 -19.10 -17.64
CA PRO B 445 1.35 -18.35 -17.74
C PRO B 445 1.49 -17.43 -18.93
N HIS B 446 2.46 -16.54 -18.82
CA HIS B 446 2.87 -15.66 -19.88
C HIS B 446 3.05 -16.46 -21.18
N GLY B 447 2.43 -16.00 -22.26
CA GLY B 447 2.64 -16.61 -23.56
C GLY B 447 1.57 -17.58 -24.01
N TYR B 448 0.68 -18.04 -23.13
CA TYR B 448 -0.13 -19.20 -23.47
C TYR B 448 -1.53 -18.88 -23.97
N GLU B 449 -1.76 -17.60 -24.23
CA GLU B 449 -2.91 -17.20 -25.04
C GLU B 449 -2.57 -17.28 -26.54
N ILE B 450 -1.29 -17.24 -26.90
CA ILE B 450 -0.91 -17.05 -28.32
C ILE B 450 -1.48 -18.15 -29.20
N GLU B 451 -1.27 -19.39 -28.77
CA GLU B 451 -1.75 -20.56 -29.49
C GLU B 451 -3.27 -20.54 -29.79
N PHE B 452 -4.06 -19.94 -28.90
CA PHE B 452 -5.49 -19.80 -29.17
C PHE B 452 -5.78 -18.71 -30.20
N ILE B 453 -5.01 -17.62 -30.17
CA ILE B 453 -5.23 -16.51 -31.10
C ILE B 453 -4.93 -16.97 -32.54
N PHE B 454 -3.94 -17.84 -32.67
CA PHE B 454 -3.49 -18.32 -33.97
C PHE B 454 -4.28 -19.55 -34.41
N GLY B 455 -5.17 -20.06 -33.55
CA GLY B 455 -6.04 -21.15 -33.95
C GLY B 455 -5.35 -22.51 -33.96
N ILE B 456 -4.18 -22.56 -33.35
CA ILE B 456 -3.40 -23.80 -33.24
C ILE B 456 -4.23 -25.02 -32.78
N PRO B 457 -5.24 -24.84 -31.90
CA PRO B 457 -6.02 -26.05 -31.57
C PRO B 457 -6.75 -26.72 -32.75
N LEU B 458 -6.97 -26.02 -33.86
CA LEU B 458 -7.58 -26.62 -35.05
C LEU B 458 -6.63 -27.57 -35.79
N ASP B 459 -5.37 -27.59 -35.38
CA ASP B 459 -4.38 -28.48 -35.99
C ASP B 459 -4.72 -29.93 -35.57
N PRO B 460 -5.05 -30.76 -36.57
CA PRO B 460 -5.49 -32.13 -36.29
C PRO B 460 -4.46 -32.96 -35.51
N SER B 461 -3.17 -32.73 -35.74
CA SER B 461 -2.12 -33.49 -35.06
C SER B 461 -2.05 -33.19 -33.56
N ARG B 462 -2.68 -32.11 -33.13
CA ARG B 462 -2.68 -31.77 -31.70
C ARG B 462 -3.92 -32.31 -30.99
N ASN B 463 -3.89 -32.35 -29.67
CA ASN B 463 -4.93 -33.02 -28.92
C ASN B 463 -5.71 -32.08 -28.00
N TYR B 464 -6.12 -30.94 -28.53
CA TYR B 464 -6.97 -30.02 -27.78
C TYR B 464 -8.40 -30.58 -27.73
N THR B 465 -9.20 -30.11 -26.77
CA THR B 465 -10.59 -30.51 -26.69
C THR B 465 -11.45 -29.77 -27.71
N ALA B 466 -12.61 -30.32 -28.01
CA ALA B 466 -13.54 -29.67 -28.92
C ALA B 466 -13.90 -28.26 -28.45
N GLU B 467 -14.08 -28.09 -27.13
CA GLU B 467 -14.42 -26.80 -26.55
C GLU B 467 -13.32 -25.78 -26.76
N GLU B 468 -12.07 -26.23 -26.56
CA GLU B 468 -10.93 -25.37 -26.87
C GLU B 468 -10.88 -24.97 -28.36
N LYS B 469 -11.35 -25.85 -29.26
CA LYS B 469 -11.39 -25.50 -30.69
C LYS B 469 -12.43 -24.42 -30.96
N ILE B 470 -13.56 -24.51 -30.28
CA ILE B 470 -14.60 -23.49 -30.34
C ILE B 470 -14.06 -22.17 -29.78
N PHE B 471 -13.39 -22.25 -28.63
CA PHE B 471 -12.78 -21.10 -27.98
C PHE B 471 -11.77 -20.42 -28.92
N ALA B 472 -10.86 -21.22 -29.47
CA ALA B 472 -9.92 -20.70 -30.47
C ALA B 472 -10.63 -19.93 -31.59
N GLN B 473 -11.72 -20.50 -32.10
CA GLN B 473 -12.46 -19.82 -33.16
C GLN B 473 -13.07 -18.50 -32.71
N ARG B 474 -13.54 -18.47 -31.46
CA ARG B 474 -14.05 -17.23 -30.89
C ARG B 474 -12.96 -16.15 -30.88
N LEU B 475 -11.79 -16.51 -30.38
CA LEU B 475 -10.72 -15.53 -30.26
C LEU B 475 -10.26 -15.02 -31.62
N MET B 476 -10.05 -15.94 -32.55
CA MET B 476 -9.67 -15.56 -33.91
C MET B 476 -10.66 -14.56 -34.49
N ARG B 477 -11.95 -14.79 -34.20
CA ARG B 477 -13.02 -13.92 -34.67
C ARG B 477 -12.92 -12.51 -34.05
N TYR B 478 -12.71 -12.43 -32.73
CA TYR B 478 -12.49 -11.14 -32.05
C TYR B 478 -11.32 -10.34 -32.63
N TRP B 479 -10.18 -11.00 -32.73
CA TRP B 479 -8.99 -10.37 -33.33
C TRP B 479 -9.22 -9.89 -34.78
N ALA B 480 -9.89 -10.70 -35.60
CA ALA B 480 -10.08 -10.28 -37.01
C ALA B 480 -11.20 -9.24 -37.13
N ASN B 481 -12.26 -9.37 -36.32
CA ASN B 481 -13.26 -8.29 -36.20
C ASN B 481 -12.57 -6.96 -35.89
N PHE B 482 -11.66 -7.00 -34.93
CA PHE B 482 -10.96 -5.80 -34.54
C PHE B 482 -10.10 -5.30 -35.70
N ALA B 483 -9.39 -6.22 -36.37
CA ALA B 483 -8.58 -5.84 -37.53
C ALA B 483 -9.44 -5.18 -38.61
N ARG B 484 -10.59 -5.78 -38.92
CA ARG B 484 -11.48 -5.22 -39.94
C ARG B 484 -12.10 -3.88 -39.57
N THR B 485 -12.65 -3.79 -38.36
CA THR B 485 -13.51 -2.66 -37.98
C THR B 485 -13.01 -1.80 -36.80
N GLY B 486 -11.97 -2.24 -36.09
CA GLY B 486 -11.47 -1.52 -34.94
C GLY B 486 -12.29 -1.82 -33.70
N ASP B 487 -13.12 -2.84 -33.81
CA ASP B 487 -14.07 -3.19 -32.76
C ASP B 487 -14.21 -4.70 -32.79
N PRO B 488 -13.78 -5.36 -31.71
CA PRO B 488 -13.81 -6.83 -31.60
C PRO B 488 -15.21 -7.41 -31.62
N ASN B 489 -16.23 -6.58 -31.38
CA ASN B 489 -17.61 -7.06 -31.34
C ASN B 489 -18.18 -7.44 -32.69
N GLU B 490 -18.98 -8.49 -32.67
CA GLU B 490 -19.66 -9.03 -33.84
C GLU B 490 -20.55 -7.99 -34.51
N PRO B 491 -20.16 -7.54 -35.71
CA PRO B 491 -20.99 -6.57 -36.42
C PRO B 491 -22.31 -7.23 -36.81
N ARG B 492 -23.38 -6.87 -36.10
CA ARG B 492 -24.79 -7.32 -36.31
C ARG B 492 -25.23 -8.50 -35.42
N ASP B 493 -24.43 -8.88 -34.43
CA ASP B 493 -24.86 -9.88 -33.46
C ASP B 493 -25.24 -9.20 -32.14
N PRO B 494 -26.52 -9.32 -31.75
CA PRO B 494 -27.07 -8.67 -30.54
C PRO B 494 -27.07 -9.55 -29.28
N LYS B 495 -27.53 -10.80 -29.38
CA LYS B 495 -27.79 -11.62 -28.19
C LYS B 495 -26.52 -12.23 -27.59
N ALA B 496 -25.38 -12.01 -28.24
CA ALA B 496 -24.07 -12.31 -27.64
C ALA B 496 -23.57 -11.12 -26.82
N PRO B 497 -23.06 -11.38 -25.59
CA PRO B 497 -22.64 -10.30 -24.68
C PRO B 497 -21.54 -9.43 -25.29
N GLN B 498 -21.60 -8.14 -25.00
CA GLN B 498 -20.78 -7.15 -25.67
C GLN B 498 -19.48 -6.88 -24.92
N TRP B 499 -18.42 -6.63 -25.69
CA TRP B 499 -17.14 -6.22 -25.14
C TRP B 499 -17.11 -4.67 -25.10
N PRO B 500 -17.24 -4.05 -23.91
CA PRO B 500 -17.28 -2.59 -23.91
C PRO B 500 -15.88 -2.02 -23.97
N PRO B 501 -15.72 -0.77 -24.44
CA PRO B 501 -14.40 -0.14 -24.42
C PRO B 501 -13.83 0.01 -23.00
N TYR B 502 -12.51 0.02 -22.92
CA TYR B 502 -11.81 0.34 -21.69
C TYR B 502 -11.64 1.85 -21.57
N THR B 503 -11.97 2.39 -20.39
CA THR B 503 -11.80 3.82 -20.15
C THR B 503 -11.05 4.04 -18.84
N ALA B 504 -10.47 5.22 -18.64
CA ALA B 504 -9.67 5.47 -17.44
C ALA B 504 -10.53 5.42 -16.18
N GLY B 505 -11.79 5.86 -16.28
CA GLY B 505 -12.72 5.83 -15.16
C GLY B 505 -13.26 4.44 -14.86
N ALA B 506 -14.13 3.93 -15.71
CA ALA B 506 -14.76 2.64 -15.44
C ALA B 506 -13.79 1.44 -15.55
N GLN B 507 -12.73 1.60 -16.36
CA GLN B 507 -11.67 0.58 -16.47
C GLN B 507 -12.21 -0.82 -16.76
N GLN B 508 -13.19 -0.92 -17.64
CA GLN B 508 -13.81 -2.21 -17.95
C GLN B 508 -12.98 -3.09 -18.90
N TYR B 509 -13.00 -4.40 -18.67
CA TYR B 509 -12.30 -5.34 -19.54
C TYR B 509 -13.14 -6.61 -19.52
N VAL B 510 -12.86 -7.52 -20.44
CA VAL B 510 -13.54 -8.83 -20.44
C VAL B 510 -12.59 -9.98 -20.11
N SER B 511 -13.16 -11.03 -19.54
CA SER B 511 -12.42 -12.28 -19.32
C SER B 511 -12.61 -13.19 -20.53
N LEU B 512 -11.50 -13.72 -21.05
CA LEU B 512 -11.51 -14.64 -22.17
C LEU B 512 -11.29 -16.05 -21.64
N ASP B 513 -12.31 -16.91 -21.69
CA ASP B 513 -12.14 -18.31 -21.31
C ASP B 513 -13.25 -19.11 -21.99
N LEU B 514 -13.43 -20.37 -21.59
CA LEU B 514 -14.46 -21.22 -22.19
C LEU B 514 -15.90 -20.70 -22.00
N ARG B 515 -16.14 -19.97 -20.90
CA ARG B 515 -17.44 -19.36 -20.62
C ARG B 515 -17.62 -18.13 -21.49
N PRO B 516 -18.86 -17.62 -21.62
CA PRO B 516 -19.06 -16.38 -22.41
C PRO B 516 -18.41 -15.16 -21.76
N LEU B 517 -18.27 -14.07 -22.51
CA LEU B 517 -17.65 -12.85 -21.98
C LEU B 517 -18.27 -12.39 -20.66
N GLU B 518 -17.42 -12.19 -19.67
CA GLU B 518 -17.83 -11.57 -18.43
C GLU B 518 -17.11 -10.23 -18.35
N VAL B 519 -17.84 -9.15 -18.08
CA VAL B 519 -17.22 -7.83 -17.94
C VAL B 519 -16.79 -7.61 -16.48
N ARG B 520 -15.58 -7.07 -16.29
CA ARG B 520 -15.07 -6.80 -14.97
C ARG B 520 -14.41 -5.44 -14.97
N ARG B 521 -14.07 -4.94 -13.79
CA ARG B 521 -13.48 -3.61 -13.65
C ARG B 521 -12.10 -3.70 -13.06
N GLY B 522 -11.18 -2.92 -13.64
CA GLY B 522 -9.88 -2.70 -13.04
C GLY B 522 -8.85 -3.74 -13.38
N LEU B 523 -7.84 -3.34 -14.16
CA LEU B 523 -6.69 -4.21 -14.39
C LEU B 523 -5.73 -4.16 -13.20
N ARG B 524 -6.05 -4.94 -12.15
CA ARG B 524 -5.30 -4.90 -10.88
C ARG B 524 -5.09 -3.44 -10.41
N ALA B 525 -6.20 -2.72 -10.35
CA ALA B 525 -6.19 -1.28 -10.08
C ALA B 525 -5.47 -0.89 -8.78
N GLN B 526 -5.76 -1.59 -7.67
CA GLN B 526 -5.09 -1.26 -6.40
C GLN B 526 -3.59 -1.48 -6.51
N ALA B 527 -3.21 -2.64 -7.01
CA ALA B 527 -1.79 -2.97 -7.21
C ALA B 527 -1.10 -1.99 -8.15
N CYS B 528 -1.70 -1.68 -9.29
CA CYS B 528 -0.99 -0.86 -10.27
C CYS B 528 -0.93 0.61 -9.88
N ALA B 529 -1.80 1.05 -8.95
CA ALA B 529 -1.70 2.38 -8.38
C ALA B 529 -0.36 2.52 -7.68
N PHE B 530 0.07 1.46 -7.01
CA PHE B 530 1.39 1.45 -6.41
C PHE B 530 2.48 1.60 -7.50
N TRP B 531 2.43 0.74 -8.53
CA TRP B 531 3.51 0.73 -9.53
C TRP B 531 3.51 1.97 -10.40
N ASN B 532 2.32 2.45 -10.75
CA ASN B 532 2.21 3.55 -11.72
C ASN B 532 2.13 4.96 -11.13
N ARG B 533 1.57 5.10 -9.93
CA ARG B 533 1.37 6.43 -9.36
C ARG B 533 2.35 6.78 -8.24
N PHE B 534 2.63 5.83 -7.35
CA PHE B 534 3.48 6.13 -6.19
C PHE B 534 4.95 5.86 -6.39
N LEU B 535 5.29 4.61 -6.75
CA LEU B 535 6.68 4.22 -6.86
C LEU B 535 7.57 5.20 -7.67
N PRO B 536 7.04 5.76 -8.76
CA PRO B 536 7.96 6.70 -9.45
C PRO B 536 8.26 7.98 -8.65
N LYS B 537 7.35 8.38 -7.77
CA LYS B 537 7.55 9.54 -6.89
C LYS B 537 8.62 9.23 -5.84
N LEU B 538 8.63 7.98 -5.40
CA LEU B 538 9.65 7.52 -4.47
C LEU B 538 11.02 7.47 -5.12
N LEU B 539 11.09 7.11 -6.39
CA LEU B 539 12.40 7.00 -7.06
C LEU B 539 13.01 8.38 -7.34
N SER B 540 12.18 9.42 -7.32
CA SER B 540 12.65 10.80 -7.47
C SER B 540 13.09 11.47 -6.15
N ALA B 541 13.06 10.73 -5.04
CA ALA B 541 13.32 11.31 -3.71
C ALA B 541 14.51 10.64 -2.99
C1 NAG C . -21.44 20.32 5.66
C2 NAG C . -21.46 20.84 4.21
C3 NAG C . -20.13 21.52 3.85
C4 NAG C . -19.75 22.54 4.91
C5 NAG C . -19.80 21.91 6.30
C6 NAG C . -19.51 22.87 7.43
C7 NAG C . -22.68 19.80 2.34
C8 NAG C . -23.49 21.07 2.28
N2 NAG C . -21.73 19.75 3.27
O3 NAG C . -20.26 22.18 2.60
O4 NAG C . -18.43 23.01 4.63
O5 NAG C . -21.11 21.38 6.52
O6 NAG C . -20.09 24.14 7.19
O7 NAG C . -22.89 18.86 1.57
C1 NAG C . -18.37 24.45 4.49
C2 NAG C . -16.94 24.86 4.87
C3 NAG C . -16.77 26.37 4.76
C4 NAG C . -17.19 26.86 3.38
C5 NAG C . -18.61 26.35 3.06
C6 NAG C . -19.08 26.72 1.68
C7 NAG C . -15.61 23.55 6.47
C8 NAG C . -15.43 23.16 7.91
N2 NAG C . -16.62 24.39 6.22
O3 NAG C . -15.41 26.70 5.00
O4 NAG C . -17.16 28.28 3.29
O5 NAG C . -18.66 24.92 3.16
O6 NAG C . -20.35 26.15 1.40
O7 NAG C . -14.86 23.14 5.58
C1 FUC C . -20.82 24.70 8.33
C2 FUC C . -21.39 26.04 7.81
C3 FUC C . -22.54 25.78 6.80
C4 FUC C . -23.64 24.91 7.44
C5 FUC C . -23.01 23.60 7.98
C6 FUC C . -23.98 22.67 8.71
O2 FUC C . -20.36 26.86 7.22
O3 FUC C . -23.14 27.00 6.36
O4 FUC C . -24.30 25.64 8.47
O5 FUC C . -21.86 23.85 8.86
C1 NAG D . 12.11 -27.07 -5.38
C2 NAG D . 12.84 -27.31 -4.05
C3 NAG D . 13.90 -26.24 -3.84
C4 NAG D . 14.88 -26.25 -4.99
C5 NAG D . 14.14 -26.07 -6.32
C6 NAG D . 15.01 -26.24 -7.54
C7 NAG D . 11.57 -28.51 -2.33
C8 NAG D . 12.17 -29.77 -2.89
N2 NAG D . 11.92 -27.37 -2.93
O3 NAG D . 14.58 -26.50 -2.62
O4 NAG D . 15.84 -25.21 -4.78
O5 NAG D . 13.06 -27.03 -6.45
O6 NAG D . 15.99 -27.25 -7.38
O7 NAG D . 10.79 -28.53 -1.38
C1 NAG D . 17.23 -25.66 -4.83
C2 NAG D . 18.14 -24.44 -4.99
C3 NAG D . 19.60 -24.87 -5.07
C4 NAG D . 19.97 -25.75 -3.88
C5 NAG D . 18.99 -26.91 -3.73
C6 NAG D . 19.23 -27.75 -2.49
C7 NAG D . 17.11 -22.52 -6.11
C8 NAG D . 16.80 -21.87 -7.43
N2 NAG D . 17.76 -23.68 -6.18
O3 NAG D . 20.45 -23.74 -5.13
O4 NAG D . 21.30 -26.26 -4.03
O5 NAG D . 17.64 -26.41 -3.65
O6 NAG D . 18.40 -27.34 -1.42
O7 NAG D . 16.79 -22.00 -5.04
C1 FUC D . 15.99 -28.27 -8.42
C2 FUC D . 17.02 -29.38 -8.01
C3 FUC D . 16.45 -30.40 -6.98
C4 FUC D . 15.08 -30.91 -7.37
C5 FUC D . 14.14 -29.74 -7.72
C6 FUC D . 12.79 -30.21 -8.28
O2 FUC D . 18.25 -28.82 -7.52
O3 FUC D . 17.31 -31.54 -6.86
O4 FUC D . 15.20 -31.82 -8.47
O5 FUC D . 14.69 -28.82 -8.68
C1 DEP E . -5.51 12.33 21.15
C2 DEP E . -5.86 10.88 20.80
C3 DEP E . -9.37 13.28 22.97
C4 DEP E . -9.44 14.79 22.70
O1 DEP E . -5.59 12.49 22.55
O2 DEP E . -8.07 12.87 22.49
O3 DEP E . -6.82 12.81 24.77
P DEP E . -6.91 12.22 23.41
C1 EDO F . -11.36 6.32 -0.58
O1 EDO F . -10.94 5.01 -0.19
C2 EDO F . -12.20 6.25 -1.85
O2 EDO F . -11.35 5.96 -2.98
C1 EDO G . 0.77 -6.26 12.02
O1 EDO G . 1.91 -7.11 12.25
C2 EDO G . 1.11 -5.13 11.01
O2 EDO G . 2.32 -4.43 11.39
O1 FP1 H . -15.45 12.32 21.95
N2 FP1 H . -14.29 12.03 22.63
C6 FP1 H . -13.82 13.23 23.28
C5 FP1 H . -13.02 13.41 24.34
C4 FP1 H . -12.54 12.22 25.09
C3 FP1 H . -11.74 12.34 26.16
C2 FP1 H . -11.33 13.64 26.57
C1 FP1 H . -11.74 14.72 25.90
N1 FP1 H . -12.58 14.63 24.81
C7 FP1 H . -13.00 15.84 24.10
O1 FP1 I . -6.73 25.95 22.38
N2 FP1 I . -6.32 24.69 22.74
C6 FP1 I . -7.21 23.71 22.10
C5 FP1 I . -7.02 22.70 21.23
C4 FP1 I . -5.66 22.39 20.73
C3 FP1 I . -5.41 21.41 19.85
C2 FP1 I . -6.49 20.61 19.37
C1 FP1 I . -7.74 20.86 19.80
N1 FP1 I . -8.03 21.88 20.71
C7 FP1 I . -9.44 22.12 21.13
C1 NAG J . 38.07 6.59 -35.68
C2 NAG J . 37.85 8.10 -35.83
C3 NAG J . 38.80 8.69 -36.89
C4 NAG J . 38.73 7.94 -38.22
C5 NAG J . 38.63 6.43 -37.99
C6 NAG J . 39.54 5.63 -38.92
C7 NAG J . 35.70 9.24 -35.42
C8 NAG J . 34.30 9.44 -35.91
N2 NAG J . 36.46 8.42 -36.16
O3 NAG J . 40.13 8.67 -36.39
O4 NAG J . 37.62 8.39 -39.01
O5 NAG J . 39.03 6.13 -36.65
O6 NAG J . 40.84 6.17 -39.00
O7 NAG J . 36.13 9.78 -34.40
C1 DEP K . 9.16 -9.91 -20.92
C2 DEP K . 7.72 -9.53 -20.52
C3 DEP K . 9.11 -13.58 -22.94
C4 DEP K . 10.63 -13.70 -23.13
O1 DEP K . 9.28 -9.85 -22.32
O2 DEP K . 8.89 -12.28 -22.43
O3 DEP K . 9.26 -10.94 -24.65
P DEP K . 8.65 -10.96 -23.29
C1 EDO L . 2.09 -13.52 2.25
O1 EDO L . 1.92 -12.57 3.32
C2 EDO L . 2.25 -12.75 0.93
O2 EDO L . 1.02 -12.08 0.65
C1 EDO M . -5.98 2.27 -11.55
O1 EDO M . -6.44 3.57 -11.94
C2 EDO M . -4.73 2.40 -10.68
O2 EDO M . -3.80 3.31 -11.26
N NO3 N . 26.17 7.55 -24.78
O1 NO3 N . 25.26 8.41 -24.98
O2 NO3 N . 26.50 7.25 -23.60
O3 NO3 N . 26.73 7.00 -25.76
O1 FP1 O . 5.95 -18.72 -21.42
N2 FP1 O . 5.98 -17.81 -22.46
C6 FP1 O . 7.32 -17.71 -23.01
C5 FP1 O . 7.73 -17.05 -24.11
C4 FP1 O . 6.77 -16.18 -24.82
C3 FP1 O . 7.10 -15.48 -25.91
C2 FP1 O . 8.44 -15.59 -26.43
C1 FP1 O . 9.32 -16.37 -25.80
N1 FP1 O . 9.02 -17.09 -24.67
C7 FP1 O . 10.06 -17.94 -24.01
#